data_1C29
#
_entry.id   1C29
#
_cell.length_a   182.290
_cell.length_b   58.870
_cell.length_c   67.400
_cell.angle_alpha   90.00
_cell.angle_beta   94.40
_cell.angle_gamma   90.00
#
_symmetry.space_group_name_H-M   'C 1 2 1'
#
loop_
_entity.id
_entity.type
_entity.pdbx_description
1 polymer 'TRYPTOPHAN SYNTHASE'
2 polymer 'TRYPTOPHAN SYNTHASE'
3 non-polymer '4-(2-HYDROXYPHENYLTHIO)-1-BUTENYLPHOSPHONIC ACID'
4 non-polymer 'SODIUM ION'
5 non-polymer "PYRIDOXAL-5'-PHOSPHATE"
6 water water
#
loop_
_entity_poly.entity_id
_entity_poly.type
_entity_poly.pdbx_seq_one_letter_code
_entity_poly.pdbx_strand_id
1 'polypeptide(L)'
;MERYENLFAQLNDRREGAFVPFVTLGDPGIEQSLKIIDTLIDAGADALELGVPFSDPLADGPTIQNANLRAFAAGVTPAQ
CFEMLALIREKHPTIPIGLLMYANLVFNNGIDAFYARCEQVGVDSVLVADVPVEESAPFRQAALRHNIAPIFICPPNADD
DLLRQVASYGRGYTYLLSRSGVTGAENRGALPLHHLIEKLKEYHAAPALQGFGISSPEQVSAAVRAGAAGAISGSAIVKI
IEKNLASPKQMLAELRSFVSAMKAASRA
;
A
2 'polypeptide(L)'
;MTTLLNPYFGEFGGMYVPQILMPALNQLEEAFVRAQKDPEFQAQFADLLKNYAGRPTALTKCQNITAGTRTTLYLKREDL
LHGGAHKTNQVLGQALLAKRMGKSEIIAETGAGQHGVASALASALLGLKCRIYMGAKDVERQSPNVFRMRLMGAEVIPVH
SGSATLKDACNEALRDWSGSYETAHYMLGTAAGPHPYPTIVREFQRMIGEETKAQILDKEGRLPDAVIACVGGGSNAIGM
FADFINDTSVGLIGVEPGGHGIETGEHGAPLKHGRVGIYFGMKAPMMQTADGQIEESYSISAGLDFPSVGPQHAYLNSIG
RADYVSITDDEALEAFKTLCRHEGIIPALESSHALAHALKMMREQPEKEQLLVVNLSGRGDKDIFTVHDILKARGEI
;
B
#
loop_
_chem_comp.id
_chem_comp.type
_chem_comp.name
_chem_comp.formula
HE1 non-polymer '4-(2-HYDROXYPHENYLTHIO)-1-BUTENYLPHOSPHONIC ACID' 'C10 H13 O4 P S'
NA non-polymer 'SODIUM ION' 'Na 1'
PLP non-polymer PYRIDOXAL-5'-PHOSPHATE 'C8 H10 N O6 P'
#
# COMPACT_ATOMS: atom_id res chain seq x y z
N GLU A 2 -25.75 22.11 -9.42
CA GLU A 2 -25.12 21.75 -10.73
C GLU A 2 -24.03 22.76 -11.07
N ARG A 3 -23.08 22.90 -10.15
CA ARG A 3 -21.96 23.83 -10.27
C ARG A 3 -21.08 23.61 -11.50
N TYR A 4 -20.63 22.38 -11.75
CA TYR A 4 -19.78 22.09 -12.91
C TYR A 4 -20.55 22.23 -14.21
N GLU A 5 -21.81 21.80 -14.16
CA GLU A 5 -22.71 21.85 -15.30
C GLU A 5 -22.83 23.27 -15.85
N ASN A 6 -23.14 24.22 -14.96
CA ASN A 6 -23.29 25.61 -15.36
C ASN A 6 -21.95 26.24 -15.75
N LEU A 7 -20.89 25.88 -15.04
CA LEU A 7 -19.55 26.40 -15.33
C LEU A 7 -19.12 26.03 -16.75
N PHE A 8 -19.32 24.76 -17.11
CA PHE A 8 -18.95 24.30 -18.44
C PHE A 8 -19.81 24.87 -19.57
N ALA A 9 -21.09 25.11 -19.28
CA ALA A 9 -22.03 25.66 -20.24
C ALA A 9 -21.66 27.10 -20.46
N GLN A 10 -21.27 27.77 -19.39
CA GLN A 10 -20.87 29.16 -19.45
C GLN A 10 -19.57 29.30 -20.25
N LEU A 11 -18.60 28.44 -19.95
CA LEU A 11 -17.32 28.44 -20.63
C LEU A 11 -17.47 28.06 -22.10
N ASN A 12 -18.45 27.21 -22.41
CA ASN A 12 -18.66 26.79 -23.79
C ASN A 12 -19.17 27.96 -24.61
N ASP A 13 -20.09 28.71 -24.03
CA ASP A 13 -20.66 29.87 -24.71
C ASP A 13 -19.58 30.89 -24.98
N ARG A 14 -18.55 30.90 -24.12
CA ARG A 14 -17.44 31.82 -24.25
C ARG A 14 -16.34 31.24 -25.13
N ARG A 15 -16.51 29.98 -25.54
CA ARG A 15 -15.53 29.28 -26.37
C ARG A 15 -14.22 29.40 -25.59
N GLU A 16 -14.29 28.97 -24.33
CA GLU A 16 -13.20 29.05 -23.38
C GLU A 16 -12.94 27.75 -22.67
N GLY A 17 -11.71 27.54 -22.24
CA GLY A 17 -11.35 26.35 -21.48
C GLY A 17 -11.33 26.69 -19.98
N ALA A 18 -11.33 25.66 -19.14
CA ALA A 18 -11.30 25.86 -17.68
C ALA A 18 -9.89 25.75 -17.13
N PHE A 19 -9.57 26.59 -16.15
CA PHE A 19 -8.29 26.50 -15.49
C PHE A 19 -8.59 26.14 -14.02
N VAL A 20 -8.08 24.99 -13.60
CA VAL A 20 -8.35 24.48 -12.27
C VAL A 20 -7.09 24.23 -11.49
N PRO A 21 -6.71 25.16 -10.61
CA PRO A 21 -5.50 25.00 -9.80
C PRO A 21 -5.75 24.01 -8.64
N PHE A 22 -4.67 23.47 -8.09
CA PHE A 22 -4.75 22.53 -6.99
C PHE A 22 -3.82 22.91 -5.85
N VAL A 23 -4.29 22.69 -4.62
CA VAL A 23 -3.52 22.96 -3.41
C VAL A 23 -3.99 22.02 -2.31
N THR A 24 -3.15 21.83 -1.30
CA THR A 24 -3.48 21.00 -0.15
C THR A 24 -4.03 21.98 0.88
N LEU A 25 -5.18 21.65 1.44
CA LEU A 25 -5.83 22.48 2.44
C LEU A 25 -4.96 22.56 3.69
N GLY A 26 -4.75 23.77 4.20
CA GLY A 26 -3.92 23.92 5.39
C GLY A 26 -2.43 24.07 5.12
N ASP A 27 -2.05 24.14 3.84
CA ASP A 27 -0.65 24.31 3.44
C ASP A 27 -0.40 25.78 3.06
N PRO A 28 0.51 26.48 3.76
CA PRO A 28 1.36 26.05 4.89
C PRO A 28 0.70 26.28 6.24
N GLY A 29 -0.53 26.78 6.22
CA GLY A 29 -1.27 27.03 7.45
C GLY A 29 -2.72 27.23 7.08
N ILE A 30 -3.62 27.05 8.03
CA ILE A 30 -5.04 27.23 7.75
C ILE A 30 -5.30 28.62 7.16
N GLU A 31 -4.86 29.65 7.87
CA GLU A 31 -5.09 31.03 7.45
C GLU A 31 -4.45 31.43 6.13
N GLN A 32 -3.19 31.04 5.91
CA GLN A 32 -2.48 31.37 4.66
C GLN A 32 -3.13 30.64 3.51
N SER A 33 -3.63 29.44 3.78
CA SER A 33 -4.28 28.59 2.80
C SER A 33 -5.62 29.17 2.33
N LEU A 34 -6.38 29.73 3.27
CA LEU A 34 -7.66 30.34 2.96
C LEU A 34 -7.37 31.57 2.09
N LYS A 35 -6.27 32.22 2.42
CA LYS A 35 -5.83 33.41 1.72
C LYS A 35 -5.33 33.03 0.33
N ILE A 36 -4.65 31.89 0.24
CA ILE A 36 -4.10 31.39 -1.02
C ILE A 36 -5.25 31.03 -1.95
N ILE A 37 -6.28 30.41 -1.38
CA ILE A 37 -7.45 29.97 -2.14
C ILE A 37 -8.26 31.13 -2.69
N ASP A 38 -8.38 32.22 -1.93
CA ASP A 38 -9.13 33.39 -2.37
C ASP A 38 -8.34 34.10 -3.47
N THR A 39 -7.01 34.04 -3.40
CA THR A 39 -6.16 34.67 -4.39
C THR A 39 -6.25 33.88 -5.68
N LEU A 40 -6.36 32.56 -5.55
CA LEU A 40 -6.46 31.66 -6.68
C LEU A 40 -7.69 32.02 -7.50
N ILE A 41 -8.82 32.17 -6.80
CA ILE A 41 -10.10 32.51 -7.41
C ILE A 41 -10.09 33.92 -7.99
N ASP A 42 -9.50 34.85 -7.24
CA ASP A 42 -9.44 36.23 -7.68
C ASP A 42 -8.58 36.44 -8.91
N ALA A 43 -7.61 35.56 -9.12
CA ALA A 43 -6.72 35.66 -10.27
C ALA A 43 -7.32 34.99 -11.51
N GLY A 44 -8.50 34.38 -11.36
CA GLY A 44 -9.14 33.72 -12.47
C GLY A 44 -9.39 32.22 -12.45
N ALA A 45 -9.33 31.55 -11.30
CA ALA A 45 -9.58 30.10 -11.28
C ALA A 45 -11.07 29.84 -11.55
N ASP A 46 -11.35 28.90 -12.44
CA ASP A 46 -12.73 28.56 -12.80
C ASP A 46 -13.36 27.56 -11.86
N ALA A 47 -12.49 26.77 -11.21
CA ALA A 47 -12.88 25.74 -10.25
C ALA A 47 -11.69 25.47 -9.34
N LEU A 48 -11.88 24.60 -8.36
CA LEU A 48 -10.81 24.26 -7.44
C LEU A 48 -10.76 22.77 -7.20
N GLU A 49 -9.55 22.26 -6.99
CA GLU A 49 -9.27 20.86 -6.69
C GLU A 49 -8.54 21.05 -5.35
N LEU A 50 -9.12 20.55 -4.27
CA LEU A 50 -8.57 20.74 -2.93
C LEU A 50 -8.29 19.43 -2.25
N GLY A 51 -7.05 19.22 -1.84
CA GLY A 51 -6.72 17.97 -1.18
C GLY A 51 -6.66 18.09 0.33
N VAL A 52 -7.18 17.11 1.05
CA VAL A 52 -7.10 17.17 2.51
C VAL A 52 -5.86 16.37 2.86
N PRO A 53 -5.05 16.87 3.80
CA PRO A 53 -3.80 16.23 4.24
C PRO A 53 -3.91 14.74 4.61
N PHE A 54 -3.06 13.93 3.98
CA PHE A 54 -3.02 12.49 4.21
C PHE A 54 -1.60 12.03 4.50
N SER A 55 -1.48 11.05 5.37
CA SER A 55 -0.19 10.51 5.79
C SER A 55 0.58 9.78 4.71
N ASP A 56 -0.14 9.16 3.78
CA ASP A 56 0.48 8.40 2.71
C ASP A 56 -0.05 8.67 1.29
N PRO A 57 0.23 9.86 0.75
CA PRO A 57 -0.20 10.28 -0.59
C PRO A 57 0.66 9.57 -1.66
N LEU A 58 0.32 8.30 -1.91
CA LEU A 58 1.06 7.46 -2.86
C LEU A 58 0.83 7.64 -4.36
N ALA A 59 0.11 8.69 -4.74
CA ALA A 59 -0.13 9.01 -6.15
C ALA A 59 0.43 10.40 -6.42
N ASP A 60 1.22 10.90 -5.46
CA ASP A 60 1.80 12.24 -5.52
C ASP A 60 3.31 12.26 -5.48
N GLY A 61 3.90 13.14 -6.30
CA GLY A 61 5.34 13.29 -6.32
C GLY A 61 5.81 14.20 -5.19
N PRO A 62 7.12 14.48 -5.10
CA PRO A 62 7.72 15.32 -4.08
C PRO A 62 7.04 16.64 -3.71
N THR A 63 6.57 17.41 -4.70
CA THR A 63 5.92 18.71 -4.41
C THR A 63 4.69 18.59 -3.52
N ILE A 64 3.73 17.76 -3.95
CA ILE A 64 2.49 17.56 -3.22
C ILE A 64 2.75 16.77 -1.92
N GLN A 65 3.80 15.95 -1.91
CA GLN A 65 4.18 15.17 -0.74
C GLN A 65 4.52 16.20 0.34
N ASN A 66 5.35 17.17 -0.04
CA ASN A 66 5.75 18.23 0.87
C ASN A 66 4.61 19.16 1.23
N ALA A 67 3.58 19.17 0.39
CA ALA A 67 2.40 19.98 0.67
C ALA A 67 1.64 19.37 1.85
N ASN A 68 1.58 18.04 1.87
CA ASN A 68 0.91 17.29 2.94
C ASN A 68 1.73 17.36 4.22
N LEU A 69 3.06 17.35 4.10
CA LEU A 69 3.96 17.43 5.25
C LEU A 69 3.83 18.79 5.92
N ARG A 70 3.74 19.85 5.11
CA ARG A 70 3.63 21.21 5.62
C ARG A 70 2.29 21.38 6.34
N ALA A 71 1.23 20.81 5.77
CA ALA A 71 -0.10 20.87 6.36
C ALA A 71 -0.08 20.15 7.71
N PHE A 72 0.49 18.95 7.72
CA PHE A 72 0.62 18.09 8.91
C PHE A 72 1.37 18.80 10.04
N ALA A 73 2.41 19.54 9.66
CA ALA A 73 3.23 20.30 10.59
C ALA A 73 2.43 21.42 11.29
N ALA A 74 1.37 21.88 10.63
CA ALA A 74 0.52 22.92 11.19
C ALA A 74 -0.66 22.30 11.96
N GLY A 75 -0.75 20.97 11.96
CA GLY A 75 -1.80 20.29 12.68
C GLY A 75 -3.16 20.25 12.02
N VAL A 76 -3.19 20.36 10.69
CA VAL A 76 -4.45 20.34 9.93
C VAL A 76 -5.06 18.95 9.88
N THR A 77 -6.21 18.80 10.54
CA THR A 77 -6.92 17.53 10.61
C THR A 77 -8.06 17.57 9.62
N PRO A 78 -8.61 16.39 9.27
CA PRO A 78 -9.73 16.36 8.31
C PRO A 78 -10.92 17.22 8.77
N ALA A 79 -11.21 17.22 10.07
CA ALA A 79 -12.33 17.99 10.66
C ALA A 79 -12.15 19.47 10.35
N GLN A 80 -10.90 19.91 10.44
CA GLN A 80 -10.52 21.29 10.18
C GLN A 80 -10.70 21.60 8.68
N CYS A 81 -10.38 20.63 7.83
CA CYS A 81 -10.55 20.83 6.41
C CYS A 81 -12.00 21.10 6.04
N PHE A 82 -12.93 20.32 6.57
CA PHE A 82 -14.34 20.53 6.28
C PHE A 82 -14.86 21.85 6.79
N GLU A 83 -14.22 22.37 7.82
CA GLU A 83 -14.60 23.65 8.41
C GLU A 83 -14.13 24.75 7.46
N MET A 84 -12.97 24.52 6.86
CA MET A 84 -12.36 25.44 5.92
C MET A 84 -13.22 25.47 4.65
N LEU A 85 -13.65 24.29 4.20
CA LEU A 85 -14.47 24.13 3.01
C LEU A 85 -15.85 24.80 3.18
N ALA A 86 -16.41 24.73 4.38
CA ALA A 86 -17.71 25.34 4.66
C ALA A 86 -17.63 26.85 4.48
N LEU A 87 -16.53 27.41 4.95
CA LEU A 87 -16.26 28.83 4.86
C LEU A 87 -15.96 29.27 3.42
N ILE A 88 -15.18 28.49 2.67
CA ILE A 88 -14.84 28.81 1.27
C ILE A 88 -16.12 28.90 0.44
N ARG A 89 -17.05 27.99 0.71
CA ARG A 89 -18.35 27.97 0.03
C ARG A 89 -19.22 29.17 0.41
N GLU A 90 -19.19 29.55 1.68
CA GLU A 90 -19.98 30.68 2.15
C GLU A 90 -19.46 31.97 1.52
N LYS A 91 -18.22 31.91 1.04
CA LYS A 91 -17.53 33.04 0.43
C LYS A 91 -17.74 33.07 -1.09
N HIS A 92 -17.79 31.89 -1.68
CA HIS A 92 -17.92 31.74 -3.13
C HIS A 92 -19.06 30.78 -3.42
N PRO A 93 -20.19 31.34 -3.89
CA PRO A 93 -21.38 30.54 -4.19
C PRO A 93 -21.38 29.66 -5.45
N THR A 94 -20.72 30.10 -6.50
CA THR A 94 -20.76 29.39 -7.77
C THR A 94 -19.60 28.50 -8.20
N ILE A 95 -18.39 28.78 -7.72
CA ILE A 95 -17.23 28.00 -8.11
C ILE A 95 -17.25 26.48 -7.75
N PRO A 96 -17.01 25.61 -8.74
CA PRO A 96 -17.00 24.17 -8.46
C PRO A 96 -15.87 23.79 -7.50
N ILE A 97 -16.19 23.07 -6.44
CA ILE A 97 -15.19 22.64 -5.47
C ILE A 97 -15.01 21.12 -5.50
N GLY A 98 -13.85 20.68 -5.98
CA GLY A 98 -13.55 19.26 -6.03
C GLY A 98 -12.48 18.92 -5.01
N LEU A 99 -12.63 17.78 -4.36
CA LEU A 99 -11.69 17.31 -3.34
C LEU A 99 -10.81 16.18 -3.86
N LEU A 100 -9.52 16.23 -3.56
CA LEU A 100 -8.61 15.14 -3.94
C LEU A 100 -8.52 14.34 -2.65
N MET A 101 -8.91 13.07 -2.74
CA MET A 101 -8.98 12.22 -1.56
C MET A 101 -8.25 10.88 -1.66
N TYR A 102 -7.73 10.39 -0.54
CA TYR A 102 -7.11 9.06 -0.50
C TYR A 102 -8.18 8.22 0.20
N ALA A 103 -8.24 6.92 -0.13
CA ALA A 103 -9.30 6.05 0.35
C ALA A 103 -9.58 5.90 1.83
N ASN A 104 -8.56 5.82 2.66
CA ASN A 104 -8.77 5.63 4.09
C ASN A 104 -9.54 6.78 4.72
N LEU A 105 -9.29 7.98 4.21
CA LEU A 105 -9.94 9.18 4.72
C LEU A 105 -11.44 9.26 4.46
N VAL A 106 -11.93 8.59 3.42
CA VAL A 106 -13.37 8.62 3.17
C VAL A 106 -14.09 7.43 3.83
N PHE A 107 -13.34 6.34 3.97
CA PHE A 107 -13.82 5.10 4.56
C PHE A 107 -13.74 5.12 6.08
N ASN A 108 -12.82 5.92 6.60
CA ASN A 108 -12.58 6.02 8.04
C ASN A 108 -13.82 6.13 8.93
N ASN A 109 -14.61 7.18 8.70
CA ASN A 109 -15.83 7.43 9.46
C ASN A 109 -17.06 6.93 8.71
N GLY A 110 -16.86 5.99 7.78
CA GLY A 110 -17.97 5.47 6.99
C GLY A 110 -18.08 6.25 5.70
N ILE A 111 -18.05 5.54 4.57
CA ILE A 111 -18.12 6.15 3.25
C ILE A 111 -19.33 7.05 3.05
N ASP A 112 -20.47 6.60 3.56
CA ASP A 112 -21.73 7.35 3.44
C ASP A 112 -21.66 8.68 4.19
N ALA A 113 -21.17 8.62 5.44
CA ALA A 113 -21.01 9.79 6.30
C ALA A 113 -20.04 10.81 5.70
N PHE A 114 -19.10 10.34 4.89
CA PHE A 114 -18.15 11.24 4.27
C PHE A 114 -18.83 12.07 3.18
N TYR A 115 -19.58 11.43 2.30
CA TYR A 115 -20.29 12.17 1.26
C TYR A 115 -21.39 13.08 1.77
N ALA A 116 -21.95 12.77 2.94
CA ALA A 116 -22.99 13.61 3.57
C ALA A 116 -22.36 14.87 4.10
N ARG A 117 -21.15 14.75 4.62
CA ARG A 117 -20.40 15.89 5.13
C ARG A 117 -20.04 16.82 3.95
N CYS A 118 -19.65 16.23 2.82
CA CYS A 118 -19.30 17.00 1.63
C CYS A 118 -20.48 17.87 1.20
N GLU A 119 -21.66 17.27 1.17
CA GLU A 119 -22.89 17.97 0.80
C GLU A 119 -23.17 19.13 1.73
N GLN A 120 -23.18 18.80 3.03
CA GLN A 120 -23.45 19.77 4.09
C GLN A 120 -22.56 20.99 3.95
N VAL A 121 -21.31 20.75 3.60
CA VAL A 121 -20.28 21.76 3.43
C VAL A 121 -20.29 22.50 2.07
N GLY A 122 -20.85 21.87 1.03
CA GLY A 122 -20.89 22.51 -0.27
C GLY A 122 -19.90 21.97 -1.30
N VAL A 123 -19.25 20.85 -1.00
CA VAL A 123 -18.30 20.25 -1.94
C VAL A 123 -19.09 19.84 -3.19
N ASP A 124 -18.48 19.98 -4.35
CA ASP A 124 -19.14 19.62 -5.60
C ASP A 124 -18.77 18.26 -6.14
N SER A 125 -17.51 17.85 -5.93
CA SER A 125 -17.08 16.56 -6.42
C SER A 125 -16.00 15.97 -5.52
N VAL A 126 -15.72 14.70 -5.74
CA VAL A 126 -14.70 13.99 -4.99
C VAL A 126 -14.02 12.97 -5.89
N LEU A 127 -12.69 13.10 -5.98
CA LEU A 127 -11.86 12.19 -6.71
C LEU A 127 -11.11 11.41 -5.63
N VAL A 128 -11.30 10.09 -5.58
CA VAL A 128 -10.59 9.25 -4.59
C VAL A 128 -9.42 8.65 -5.37
N ALA A 129 -8.24 9.24 -5.21
CA ALA A 129 -7.02 8.85 -5.92
C ALA A 129 -6.63 7.39 -5.97
N ASP A 130 -6.94 6.61 -4.94
CA ASP A 130 -6.56 5.20 -4.95
C ASP A 130 -7.70 4.18 -5.07
N VAL A 131 -8.77 4.58 -5.73
CA VAL A 131 -9.89 3.67 -5.96
C VAL A 131 -10.13 3.62 -7.47
N PRO A 132 -9.81 2.48 -8.11
CA PRO A 132 -10.05 2.41 -9.56
C PRO A 132 -11.57 2.25 -9.77
N VAL A 133 -12.03 2.25 -11.03
CA VAL A 133 -13.46 2.12 -11.33
C VAL A 133 -13.99 0.78 -10.89
N GLU A 134 -13.08 -0.20 -10.88
CA GLU A 134 -13.35 -1.57 -10.49
C GLU A 134 -13.77 -1.65 -9.02
N GLU A 135 -13.41 -0.63 -8.25
CA GLU A 135 -13.67 -0.61 -6.82
C GLU A 135 -14.53 0.58 -6.37
N SER A 136 -14.96 1.39 -7.33
CA SER A 136 -15.74 2.60 -7.07
C SER A 136 -17.15 2.47 -6.59
N ALA A 137 -17.80 1.34 -6.83
CA ALA A 137 -19.19 1.15 -6.45
C ALA A 137 -19.70 1.87 -5.19
N PRO A 138 -19.17 1.54 -3.99
CA PRO A 138 -19.65 2.21 -2.78
C PRO A 138 -19.50 3.74 -2.75
N PHE A 139 -18.35 4.20 -3.27
CA PHE A 139 -18.01 5.63 -3.30
C PHE A 139 -18.91 6.38 -4.29
N ARG A 140 -19.09 5.77 -5.46
CA ARG A 140 -19.92 6.29 -6.55
C ARG A 140 -21.35 6.48 -6.08
N GLN A 141 -21.88 5.42 -5.48
CA GLN A 141 -23.25 5.33 -4.95
C GLN A 141 -23.49 6.36 -3.85
N ALA A 142 -22.57 6.43 -2.89
CA ALA A 142 -22.70 7.39 -1.81
C ALA A 142 -22.61 8.84 -2.32
N ALA A 143 -21.73 9.08 -3.29
CA ALA A 143 -21.56 10.42 -3.87
C ALA A 143 -22.89 10.91 -4.47
N LEU A 144 -23.45 10.11 -5.38
CA LEU A 144 -24.71 10.41 -6.05
C LEU A 144 -25.84 10.66 -5.04
N ARG A 145 -25.91 9.81 -4.02
CA ARG A 145 -26.91 9.88 -2.96
C ARG A 145 -26.91 11.24 -2.29
N HIS A 146 -25.75 11.89 -2.27
CA HIS A 146 -25.62 13.18 -1.64
C HIS A 146 -25.31 14.30 -2.62
N ASN A 147 -25.64 14.08 -3.89
CA ASN A 147 -25.46 15.06 -4.95
C ASN A 147 -24.02 15.55 -5.13
N ILE A 148 -23.10 14.60 -5.00
CA ILE A 148 -21.67 14.84 -5.15
C ILE A 148 -21.27 14.11 -6.41
N ALA A 149 -20.51 14.80 -7.26
CA ALA A 149 -20.07 14.22 -8.52
C ALA A 149 -18.87 13.31 -8.29
N PRO A 150 -19.02 12.02 -8.58
CA PRO A 150 -17.92 11.05 -8.40
C PRO A 150 -16.96 11.16 -9.60
N ILE A 151 -15.76 11.67 -9.37
CA ILE A 151 -14.75 11.85 -10.42
C ILE A 151 -13.90 10.62 -10.70
N PHE A 152 -13.80 10.26 -11.98
CA PHE A 152 -13.01 9.11 -12.42
C PHE A 152 -11.79 9.52 -13.27
N ILE A 153 -10.71 8.76 -13.11
CA ILE A 153 -9.47 9.03 -13.84
C ILE A 153 -9.37 8.20 -15.10
N CYS A 154 -9.30 8.87 -16.24
CA CYS A 154 -9.13 8.23 -17.53
C CYS A 154 -7.63 8.29 -17.85
N PRO A 155 -6.92 7.15 -17.75
CA PRO A 155 -5.49 7.06 -18.02
C PRO A 155 -5.18 6.96 -19.52
N PRO A 156 -3.90 7.19 -19.89
CA PRO A 156 -3.54 7.12 -21.31
C PRO A 156 -3.60 5.68 -21.87
N ASN A 157 -3.45 4.68 -21.00
CA ASN A 157 -3.51 3.27 -21.40
C ASN A 157 -4.93 2.68 -21.32
N ALA A 158 -5.93 3.56 -21.20
CA ALA A 158 -7.32 3.14 -21.10
C ALA A 158 -7.84 2.39 -22.32
N ASP A 159 -8.53 1.28 -22.07
CA ASP A 159 -9.12 0.48 -23.12
C ASP A 159 -10.54 1.00 -23.33
N ASP A 160 -11.24 0.45 -24.32
CA ASP A 160 -12.57 0.92 -24.59
C ASP A 160 -13.56 0.67 -23.47
N ASP A 161 -13.47 -0.48 -22.81
CA ASP A 161 -14.38 -0.79 -21.72
C ASP A 161 -14.22 0.20 -20.58
N LEU A 162 -12.98 0.63 -20.35
CA LEU A 162 -12.68 1.60 -19.31
C LEU A 162 -13.32 2.95 -19.69
N LEU A 163 -13.16 3.35 -20.96
CA LEU A 163 -13.69 4.61 -21.47
C LEU A 163 -15.21 4.67 -21.32
N ARG A 164 -15.82 3.53 -21.60
CA ARG A 164 -17.27 3.36 -21.54
C ARG A 164 -17.77 3.35 -20.09
N GLN A 165 -16.93 2.92 -19.17
CA GLN A 165 -17.29 2.86 -17.75
C GLN A 165 -17.22 4.26 -17.19
N VAL A 166 -16.07 4.89 -17.40
CA VAL A 166 -15.80 6.25 -16.95
C VAL A 166 -16.91 7.21 -17.41
N ALA A 167 -17.33 7.06 -18.67
CA ALA A 167 -18.37 7.92 -19.26
C ALA A 167 -19.79 7.72 -18.69
N SER A 168 -20.08 6.52 -18.21
CA SER A 168 -21.40 6.24 -17.65
C SER A 168 -21.52 6.56 -16.14
N TYR A 169 -20.45 6.28 -15.40
CA TYR A 169 -20.42 6.50 -13.95
C TYR A 169 -20.09 7.91 -13.50
N GLY A 170 -19.07 8.49 -14.13
CA GLY A 170 -18.62 9.83 -13.78
C GLY A 170 -19.60 10.98 -13.95
N ARG A 171 -19.39 12.01 -13.13
CA ARG A 171 -20.18 13.23 -13.15
C ARG A 171 -19.20 14.37 -13.00
N GLY A 172 -19.67 15.60 -13.23
CA GLY A 172 -18.81 16.78 -13.09
C GLY A 172 -17.78 16.95 -14.19
N TYR A 173 -16.73 16.12 -14.14
CA TYR A 173 -15.69 16.16 -15.14
C TYR A 173 -14.92 14.84 -15.13
N THR A 174 -14.33 14.51 -16.28
CA THR A 174 -13.52 13.30 -16.45
C THR A 174 -12.06 13.73 -16.24
N TYR A 175 -11.37 13.09 -15.30
CA TYR A 175 -9.99 13.45 -15.05
C TYR A 175 -9.11 12.74 -16.07
N LEU A 176 -8.63 13.48 -17.07
CA LEU A 176 -7.78 12.90 -18.12
C LEU A 176 -6.29 13.04 -17.80
N LEU A 177 -5.64 11.92 -17.57
CA LEU A 177 -4.21 11.92 -17.26
C LEU A 177 -3.42 12.19 -18.54
N SER A 178 -2.40 13.02 -18.44
CA SER A 178 -1.58 13.33 -19.60
C SER A 178 -0.27 12.53 -19.54
N ARG A 179 -0.18 11.68 -18.52
CA ARG A 179 1.04 10.93 -18.28
C ARG A 179 0.83 9.72 -17.35
N SER A 180 1.87 8.91 -17.29
CA SER A 180 1.95 7.77 -16.41
C SER A 180 2.77 8.37 -15.26
N GLY A 181 2.96 7.65 -14.16
CA GLY A 181 3.72 8.21 -13.06
C GLY A 181 2.84 8.97 -12.08
N VAL A 182 3.46 9.74 -11.18
CA VAL A 182 2.72 10.48 -10.18
C VAL A 182 2.66 11.97 -10.51
N THR A 183 2.02 12.75 -9.62
CA THR A 183 1.92 14.19 -9.84
C THR A 183 3.29 14.85 -9.73
N GLY A 184 3.50 15.85 -10.58
CA GLY A 184 4.76 16.57 -10.59
C GLY A 184 4.88 17.41 -11.85
N ALA A 185 5.24 18.68 -11.67
CA ALA A 185 5.42 19.60 -12.80
C ALA A 185 6.78 19.30 -13.43
N GLU A 186 7.49 18.37 -12.81
CA GLU A 186 8.83 17.93 -13.19
C GLU A 186 8.86 17.21 -14.55
N ASN A 187 7.89 16.32 -14.76
CA ASN A 187 7.79 15.55 -16.00
C ASN A 187 6.57 15.95 -16.81
N ARG A 188 6.84 16.49 -17.99
CA ARG A 188 5.81 16.93 -18.91
C ARG A 188 5.20 15.77 -19.67
N GLY A 189 3.88 15.81 -19.86
CA GLY A 189 3.19 14.75 -20.57
C GLY A 189 3.39 14.83 -22.08
N PRO A 192 -0.34 12.96 -26.61
CA PRO A 192 -1.33 12.96 -27.72
C PRO A 192 -2.60 12.32 -27.16
N LEU A 193 -3.50 13.13 -26.63
CA LEU A 193 -4.73 12.64 -26.03
C LEU A 193 -6.01 12.76 -26.86
N HIS A 194 -5.87 13.13 -28.13
CA HIS A 194 -7.00 13.31 -29.04
C HIS A 194 -8.00 12.17 -29.14
N HIS A 195 -7.49 10.94 -29.20
CA HIS A 195 -8.36 9.78 -29.32
C HIS A 195 -9.28 9.59 -28.12
N LEU A 196 -8.71 9.62 -26.92
CA LEU A 196 -9.49 9.46 -25.70
C LEU A 196 -10.52 10.59 -25.62
N ILE A 197 -10.10 11.81 -25.92
CA ILE A 197 -10.98 12.98 -25.90
C ILE A 197 -12.20 12.80 -26.82
N GLU A 198 -11.97 12.32 -28.03
CA GLU A 198 -13.08 12.08 -28.96
C GLU A 198 -13.97 10.93 -28.53
N LYS A 199 -13.36 9.87 -28.03
CA LYS A 199 -14.12 8.70 -27.60
C LYS A 199 -14.98 9.04 -26.36
N LEU A 200 -14.40 9.76 -25.41
CA LEU A 200 -15.14 10.17 -24.21
C LEU A 200 -16.34 11.02 -24.62
N LYS A 201 -16.16 11.83 -25.66
CA LYS A 201 -17.21 12.73 -26.17
C LYS A 201 -18.35 11.91 -26.74
N GLU A 202 -17.98 10.85 -27.44
CA GLU A 202 -18.89 9.91 -28.06
C GLU A 202 -19.77 9.19 -27.05
N TYR A 203 -19.21 8.94 -25.87
CA TYR A 203 -19.94 8.22 -24.84
C TYR A 203 -20.65 9.15 -23.89
N HIS A 204 -20.65 10.43 -24.23
CA HIS A 204 -21.29 11.46 -23.43
C HIS A 204 -20.72 11.55 -22.02
N ALA A 205 -19.41 11.36 -21.92
CA ALA A 205 -18.69 11.43 -20.66
C ALA A 205 -18.75 12.86 -20.13
N ALA A 206 -18.18 13.07 -18.95
CA ALA A 206 -18.16 14.41 -18.36
C ALA A 206 -17.04 15.15 -19.08
N PRO A 207 -17.14 16.49 -19.21
CA PRO A 207 -16.08 17.26 -19.89
C PRO A 207 -14.71 16.89 -19.31
N ALA A 208 -13.78 16.53 -20.19
CA ALA A 208 -12.45 16.14 -19.76
C ALA A 208 -11.65 17.31 -19.20
N LEU A 209 -10.89 17.02 -18.14
CA LEU A 209 -10.02 18.01 -17.54
C LEU A 209 -8.67 17.30 -17.49
N GLN A 210 -7.71 17.79 -18.28
CA GLN A 210 -6.36 17.24 -18.31
C GLN A 210 -5.55 17.56 -17.06
N GLY A 211 -4.95 16.54 -16.45
CA GLY A 211 -4.16 16.73 -15.24
C GLY A 211 -2.89 15.94 -15.24
N PHE A 212 -1.88 16.46 -14.53
CA PHE A 212 -0.53 15.90 -14.42
C PHE A 212 0.45 16.59 -15.37
N GLY A 213 1.46 17.26 -14.80
CA GLY A 213 2.48 17.93 -15.60
C GLY A 213 2.18 19.32 -16.13
N ILE A 214 0.93 19.75 -16.06
CA ILE A 214 0.52 21.07 -16.55
C ILE A 214 1.15 22.18 -15.74
N SER A 215 2.15 22.83 -16.31
CA SER A 215 2.87 23.91 -15.62
C SER A 215 3.01 25.23 -16.39
N SER A 216 2.76 25.21 -17.69
CA SER A 216 2.89 26.43 -18.52
C SER A 216 1.60 26.76 -19.28
N PRO A 217 1.33 28.06 -19.50
CA PRO A 217 0.13 28.54 -20.22
C PRO A 217 -0.02 27.89 -21.58
N GLU A 218 1.13 27.54 -22.16
CA GLU A 218 1.18 26.87 -23.46
C GLU A 218 0.49 25.53 -23.39
N GLN A 219 0.69 24.87 -22.27
CA GLN A 219 0.12 23.55 -22.02
C GLN A 219 -1.41 23.59 -21.93
N VAL A 220 -1.96 24.59 -21.23
CA VAL A 220 -3.43 24.69 -21.13
C VAL A 220 -4.09 25.07 -22.48
N SER A 221 -3.40 25.87 -23.30
CA SER A 221 -3.96 26.25 -24.61
C SER A 221 -4.01 25.04 -25.51
N ALA A 222 -2.99 24.18 -25.39
CA ALA A 222 -2.94 22.96 -26.19
C ALA A 222 -3.99 21.94 -25.74
N ALA A 223 -4.24 21.84 -24.43
CA ALA A 223 -5.25 20.90 -23.92
C ALA A 223 -6.60 21.26 -24.55
N VAL A 224 -6.90 22.55 -24.50
CA VAL A 224 -8.14 23.10 -25.03
C VAL A 224 -8.22 22.87 -26.55
N ARG A 225 -7.10 23.06 -27.24
CA ARG A 225 -7.00 22.88 -28.69
C ARG A 225 -7.23 21.44 -29.12
N ALA A 226 -6.83 20.51 -28.25
CA ALA A 226 -6.98 19.06 -28.51
C ALA A 226 -8.41 18.58 -28.28
N GLY A 227 -9.24 19.45 -27.70
CA GLY A 227 -10.63 19.08 -27.44
C GLY A 227 -10.99 18.93 -25.96
N ALA A 228 -10.02 19.06 -25.07
CA ALA A 228 -10.28 18.94 -23.63
C ALA A 228 -10.99 20.19 -23.16
N ALA A 229 -11.84 20.04 -22.16
CA ALA A 229 -12.61 21.17 -21.63
C ALA A 229 -11.80 22.10 -20.72
N GLY A 230 -10.61 21.66 -20.32
CA GLY A 230 -9.79 22.49 -19.46
C GLY A 230 -8.62 21.70 -18.92
N ALA A 231 -7.87 22.32 -18.01
CA ALA A 231 -6.71 21.69 -17.42
C ALA A 231 -6.57 22.01 -15.94
N ILE A 232 -6.05 21.03 -15.20
CA ILE A 232 -5.80 21.13 -13.78
C ILE A 232 -4.27 21.24 -13.58
N SER A 233 -3.83 22.14 -12.70
CA SER A 233 -2.41 22.33 -12.41
C SER A 233 -2.21 22.33 -10.90
N GLY A 234 -1.35 21.46 -10.39
CA GLY A 234 -1.12 21.41 -8.96
C GLY A 234 0.29 21.72 -8.48
N SER A 235 1.25 20.91 -8.89
CA SER A 235 2.62 21.10 -8.48
C SER A 235 3.23 22.45 -8.85
N ALA A 236 2.87 22.99 -10.02
CA ALA A 236 3.38 24.29 -10.46
C ALA A 236 2.87 25.32 -9.49
N ILE A 237 1.64 25.12 -9.03
CA ILE A 237 0.97 25.99 -8.10
C ILE A 237 1.61 25.88 -6.72
N VAL A 238 1.70 24.67 -6.20
CA VAL A 238 2.28 24.38 -4.88
C VAL A 238 3.76 24.74 -4.77
N LYS A 239 4.47 24.68 -5.89
CA LYS A 239 5.88 25.03 -5.92
C LYS A 239 6.04 26.49 -5.57
N ILE A 240 5.06 27.32 -5.96
CA ILE A 240 5.10 28.75 -5.66
C ILE A 240 4.94 28.96 -4.15
N ILE A 241 4.10 28.15 -3.53
CA ILE A 241 3.89 28.23 -2.08
C ILE A 241 5.20 27.85 -1.36
N GLU A 242 5.85 26.80 -1.84
CA GLU A 242 7.11 26.29 -1.30
C GLU A 242 8.21 27.33 -1.42
N LYS A 243 8.26 27.96 -2.60
CA LYS A 243 9.23 28.98 -2.95
C LYS A 243 9.13 30.21 -2.06
N ASN A 244 7.93 30.50 -1.55
CA ASN A 244 7.72 31.70 -0.74
C ASN A 244 7.20 31.55 0.68
N LEU A 245 7.61 30.50 1.37
CA LEU A 245 7.18 30.27 2.75
C LEU A 245 7.60 31.35 3.75
N ALA A 246 8.70 32.05 3.43
CA ALA A 246 9.22 33.13 4.26
C ALA A 246 8.65 34.49 3.87
N SER A 247 7.88 34.53 2.79
CA SER A 247 7.24 35.77 2.33
C SER A 247 5.84 35.49 1.79
N PRO A 248 4.84 35.44 2.70
CA PRO A 248 3.42 35.19 2.41
C PRO A 248 2.84 36.15 1.38
N LYS A 249 3.23 37.42 1.49
CA LYS A 249 2.77 38.47 0.59
C LYS A 249 3.26 38.23 -0.84
N GLN A 250 4.52 37.81 -0.97
CA GLN A 250 5.10 37.50 -2.27
C GLN A 250 4.46 36.24 -2.84
N MET A 251 4.14 35.30 -1.95
CA MET A 251 3.48 34.04 -2.33
C MET A 251 2.20 34.33 -3.07
N LEU A 252 1.36 35.16 -2.44
CA LEU A 252 0.08 35.56 -2.99
C LEU A 252 0.27 36.30 -4.30
N ALA A 253 1.22 37.23 -4.30
CA ALA A 253 1.54 38.03 -5.48
C ALA A 253 1.97 37.15 -6.64
N GLU A 254 2.78 36.14 -6.34
CA GLU A 254 3.27 35.23 -7.36
C GLU A 254 2.17 34.27 -7.81
N LEU A 255 1.32 33.88 -6.86
CA LEU A 255 0.19 32.97 -7.12
C LEU A 255 -0.75 33.61 -8.14
N ARG A 256 -1.06 34.87 -7.93
CA ARG A 256 -1.90 35.65 -8.84
C ARG A 256 -1.32 35.73 -10.25
N SER A 257 -0.03 36.05 -10.33
CA SER A 257 0.67 36.20 -11.60
C SER A 257 0.60 34.95 -12.48
N PHE A 258 0.86 33.79 -11.87
CA PHE A 258 0.84 32.52 -12.58
C PHE A 258 -0.58 32.10 -12.98
N VAL A 259 -1.52 32.24 -12.05
CA VAL A 259 -2.91 31.86 -12.31
C VAL A 259 -3.52 32.74 -13.38
N SER A 260 -3.19 34.03 -13.35
CA SER A 260 -3.72 34.95 -14.34
C SER A 260 -3.15 34.62 -15.71
N ALA A 261 -1.85 34.31 -15.76
CA ALA A 261 -1.19 33.95 -17.02
C ALA A 261 -1.70 32.62 -17.54
N MET A 262 -2.07 31.74 -16.62
CA MET A 262 -2.60 30.42 -16.93
C MET A 262 -4.06 30.47 -17.41
N LYS A 263 -4.88 31.27 -16.73
CA LYS A 263 -6.28 31.45 -17.11
C LYS A 263 -6.37 32.06 -18.50
N ALA A 264 -5.51 33.03 -18.77
CA ALA A 264 -5.49 33.73 -20.06
C ALA A 264 -5.27 32.75 -21.21
N ALA A 265 -4.47 31.71 -20.94
CA ALA A 265 -4.15 30.70 -21.95
C ALA A 265 -5.30 29.80 -22.37
N SER A 266 -6.42 29.86 -21.64
CA SER A 266 -7.59 29.04 -21.93
C SER A 266 -8.62 29.84 -22.71
N ARG A 267 -8.44 31.15 -22.69
CA ARG A 267 -9.31 32.09 -23.39
C ARG A 267 -8.74 32.18 -24.82
N THR B 3 -11.30 -9.58 -13.28
CA THR B 3 -10.15 -10.46 -12.88
C THR B 3 -10.52 -11.94 -13.01
N LEU B 4 -9.51 -12.81 -13.04
CA LEU B 4 -9.75 -14.25 -13.15
C LEU B 4 -10.04 -14.91 -11.79
N LEU B 5 -9.44 -14.36 -10.73
CA LEU B 5 -9.59 -14.85 -9.37
C LEU B 5 -10.33 -13.80 -8.55
N ASN B 6 -10.85 -14.19 -7.40
CA ASN B 6 -11.57 -13.27 -6.51
C ASN B 6 -10.56 -12.40 -5.80
N PRO B 7 -10.66 -11.07 -5.95
CA PRO B 7 -9.74 -10.11 -5.31
C PRO B 7 -9.91 -10.06 -3.78
N TYR B 8 -11.02 -10.60 -3.30
CA TYR B 8 -11.39 -10.60 -1.89
C TYR B 8 -11.47 -11.94 -1.20
N PHE B 9 -11.37 -11.87 0.12
CA PHE B 9 -11.47 -12.99 1.05
C PHE B 9 -12.52 -12.42 1.97
N GLY B 10 -13.78 -12.73 1.66
CA GLY B 10 -14.87 -12.18 2.45
C GLY B 10 -14.98 -10.68 2.16
N GLU B 11 -14.77 -9.89 3.20
CA GLU B 11 -14.81 -8.43 3.20
C GLU B 11 -13.44 -7.80 2.93
N PHE B 12 -12.39 -8.60 3.04
CA PHE B 12 -11.03 -8.08 2.93
C PHE B 12 -10.29 -8.33 1.63
N GLY B 13 -9.44 -7.37 1.27
CA GLY B 13 -8.64 -7.49 0.06
C GLY B 13 -8.92 -6.34 -0.88
N GLY B 14 -9.27 -6.70 -2.12
CA GLY B 14 -9.56 -5.68 -3.11
C GLY B 14 -8.37 -5.27 -3.94
N MET B 15 -8.56 -4.22 -4.72
CA MET B 15 -7.52 -3.74 -5.62
C MET B 15 -7.58 -2.22 -5.59
N TYR B 16 -7.14 -1.65 -4.47
CA TYR B 16 -7.18 -0.20 -4.30
C TYR B 16 -5.90 0.50 -4.71
N VAL B 17 -5.68 0.57 -6.01
CA VAL B 17 -4.51 1.25 -6.56
C VAL B 17 -5.02 2.25 -7.60
N PRO B 18 -4.22 3.31 -7.89
CA PRO B 18 -4.68 4.28 -8.89
C PRO B 18 -4.97 3.54 -10.20
N GLN B 19 -5.93 4.04 -10.98
CA GLN B 19 -6.30 3.43 -12.27
C GLN B 19 -5.12 3.03 -13.17
N ILE B 20 -4.09 3.85 -13.17
CA ILE B 20 -2.89 3.62 -13.99
C ILE B 20 -2.23 2.24 -13.77
N LEU B 21 -2.31 1.72 -12.55
CA LEU B 21 -1.71 0.41 -12.18
C LEU B 21 -2.59 -0.82 -12.35
N MET B 22 -3.88 -0.62 -12.63
CA MET B 22 -4.82 -1.73 -12.80
C MET B 22 -4.33 -2.69 -13.91
N PRO B 23 -3.93 -2.16 -15.10
CA PRO B 23 -3.45 -3.07 -16.16
C PRO B 23 -2.26 -3.93 -15.71
N ALA B 24 -1.41 -3.38 -14.83
CA ALA B 24 -0.26 -4.10 -14.29
C ALA B 24 -0.70 -5.28 -13.38
N LEU B 25 -1.73 -5.05 -12.57
CA LEU B 25 -2.25 -6.08 -11.69
C LEU B 25 -2.98 -7.15 -12.51
N ASN B 26 -3.66 -6.74 -13.59
CA ASN B 26 -4.36 -7.71 -14.45
C ASN B 26 -3.33 -8.56 -15.19
N GLN B 27 -2.25 -7.93 -15.68
CA GLN B 27 -1.17 -8.63 -16.36
C GLN B 27 -0.56 -9.65 -15.38
N LEU B 28 -0.18 -9.16 -14.21
CA LEU B 28 0.44 -10.01 -13.19
C LEU B 28 -0.45 -11.18 -12.86
N GLU B 29 -1.73 -10.93 -12.60
CA GLU B 29 -2.66 -11.99 -12.27
C GLU B 29 -2.70 -13.10 -13.32
N GLU B 30 -2.79 -12.70 -14.58
CA GLU B 30 -2.85 -13.62 -15.71
C GLU B 30 -1.55 -14.39 -15.92
N ALA B 31 -0.40 -13.75 -15.69
CA ALA B 31 0.87 -14.45 -15.83
C ALA B 31 1.03 -15.48 -14.68
N PHE B 32 0.42 -15.19 -13.54
CA PHE B 32 0.49 -16.09 -12.39
C PHE B 32 -0.34 -17.34 -12.64
N VAL B 33 -1.59 -17.15 -13.08
CA VAL B 33 -2.48 -18.25 -13.39
C VAL B 33 -1.86 -19.16 -14.46
N ARG B 34 -1.24 -18.55 -15.48
CA ARG B 34 -0.59 -19.32 -16.54
C ARG B 34 0.61 -20.10 -16.00
N ALA B 35 1.46 -19.40 -15.24
CA ALA B 35 2.65 -20.02 -14.66
C ALA B 35 2.29 -21.21 -13.78
N GLN B 36 1.20 -21.04 -13.03
CA GLN B 36 0.71 -22.06 -12.11
C GLN B 36 0.32 -23.35 -12.80
N LYS B 37 -0.10 -23.23 -14.06
CA LYS B 37 -0.53 -24.38 -14.83
C LYS B 37 0.59 -24.82 -15.78
N ASP B 38 1.72 -24.11 -15.73
CA ASP B 38 2.86 -24.40 -16.59
C ASP B 38 3.87 -25.35 -15.93
N PRO B 39 3.97 -26.60 -16.41
CA PRO B 39 4.92 -27.54 -15.82
C PRO B 39 6.38 -27.11 -15.92
N GLU B 40 6.70 -26.36 -16.98
CA GLU B 40 8.04 -25.89 -17.21
C GLU B 40 8.38 -24.86 -16.13
N PHE B 41 7.42 -24.00 -15.80
CA PHE B 41 7.64 -23.00 -14.74
C PHE B 41 7.79 -23.73 -13.40
N GLN B 42 6.83 -24.61 -13.11
CA GLN B 42 6.82 -25.37 -11.89
C GLN B 42 8.14 -26.13 -11.66
N ALA B 43 8.67 -26.74 -12.72
CA ALA B 43 9.91 -27.49 -12.65
C ALA B 43 11.12 -26.58 -12.47
N GLN B 44 10.99 -25.35 -12.95
CA GLN B 44 12.05 -24.37 -12.85
C GLN B 44 12.09 -23.78 -11.43
N PHE B 45 10.90 -23.50 -10.88
CA PHE B 45 10.75 -22.94 -9.54
C PHE B 45 11.21 -24.02 -8.54
N ALA B 46 10.80 -25.25 -8.79
CA ALA B 46 11.16 -26.39 -7.94
C ALA B 46 12.68 -26.61 -7.92
N ASP B 47 13.33 -26.40 -9.08
CA ASP B 47 14.78 -26.56 -9.22
C ASP B 47 15.53 -25.51 -8.40
N LEU B 48 15.10 -24.25 -8.53
CA LEU B 48 15.70 -23.12 -7.80
C LEU B 48 15.55 -23.35 -6.27
N LEU B 49 14.35 -23.77 -5.90
CA LEU B 49 14.00 -24.04 -4.52
C LEU B 49 14.86 -25.13 -3.89
N LYS B 50 15.05 -26.23 -4.61
CA LYS B 50 15.82 -27.37 -4.13
C LYS B 50 17.33 -27.20 -4.11
N ASN B 51 17.89 -26.97 -5.29
CA ASN B 51 19.34 -26.84 -5.48
C ASN B 51 20.00 -25.50 -5.21
N TYR B 52 19.21 -24.44 -5.11
CA TYR B 52 19.77 -23.13 -4.83
C TYR B 52 19.40 -22.64 -3.45
N ALA B 53 18.17 -22.93 -3.00
CA ALA B 53 17.73 -22.48 -1.68
C ALA B 53 17.88 -23.46 -0.52
N GLY B 54 17.88 -24.76 -0.78
CA GLY B 54 18.02 -25.75 0.30
C GLY B 54 16.78 -26.56 0.64
N ARG B 55 15.77 -26.46 -0.21
CA ARG B 55 14.49 -27.17 -0.08
C ARG B 55 14.71 -28.69 -0.28
N PRO B 56 14.05 -29.54 0.53
CA PRO B 56 13.13 -29.17 1.62
C PRO B 56 13.86 -28.87 2.94
N THR B 57 13.24 -28.04 3.78
CA THR B 57 13.81 -27.68 5.08
C THR B 57 13.42 -28.76 6.10
N ALA B 58 14.24 -28.90 7.14
CA ALA B 58 13.98 -29.87 8.20
C ALA B 58 12.80 -29.48 9.09
N LEU B 59 12.33 -30.48 9.83
CA LEU B 59 11.24 -30.33 10.80
C LEU B 59 11.94 -30.91 12.04
N THR B 60 12.32 -30.02 12.96
CA THR B 60 13.06 -30.43 14.14
C THR B 60 12.26 -30.63 15.43
N LYS B 61 12.31 -31.86 15.96
CA LYS B 61 11.64 -32.17 17.21
C LYS B 61 12.46 -31.58 18.36
N CYS B 62 11.88 -30.60 19.04
CA CYS B 62 12.53 -29.99 20.19
C CYS B 62 12.21 -30.82 21.44
N GLN B 63 13.11 -31.71 21.82
CA GLN B 63 12.88 -32.54 23.00
C GLN B 63 13.12 -31.88 24.36
N ASN B 64 14.31 -31.33 24.57
CA ASN B 64 14.67 -30.68 25.82
C ASN B 64 13.68 -29.59 26.25
N ILE B 65 13.35 -28.71 25.32
CA ILE B 65 12.45 -27.61 25.60
C ILE B 65 11.09 -28.00 26.21
N THR B 66 10.51 -29.10 25.76
CA THR B 66 9.20 -29.52 26.26
C THR B 66 9.24 -30.46 27.48
N ALA B 67 10.45 -30.74 28.01
CA ALA B 67 10.65 -31.63 29.16
C ALA B 67 9.76 -31.27 30.36
N GLY B 68 9.19 -32.30 30.99
CA GLY B 68 8.35 -32.09 32.15
C GLY B 68 6.91 -31.76 31.83
N THR B 69 6.56 -31.86 30.55
CA THR B 69 5.21 -31.57 30.09
C THR B 69 4.77 -32.64 29.12
N ARG B 70 3.50 -32.61 28.78
CA ARG B 70 2.90 -33.57 27.85
C ARG B 70 2.76 -32.98 26.44
N THR B 71 3.59 -31.98 26.13
CA THR B 71 3.60 -31.33 24.82
C THR B 71 4.78 -31.81 23.95
N THR B 72 4.49 -32.07 22.67
CA THR B 72 5.50 -32.46 21.68
C THR B 72 5.59 -31.26 20.73
N LEU B 73 6.79 -30.70 20.60
CA LEU B 73 7.01 -29.52 19.75
C LEU B 73 8.03 -29.70 18.64
N TYR B 74 7.59 -29.42 17.42
CA TYR B 74 8.46 -29.50 16.25
C TYR B 74 8.65 -28.07 15.76
N LEU B 75 9.70 -27.86 14.99
CA LEU B 75 9.98 -26.53 14.44
C LEU B 75 10.26 -26.64 12.94
N LYS B 76 9.52 -25.86 12.14
CA LYS B 76 9.77 -25.81 10.70
C LYS B 76 11.03 -24.97 10.56
N ARG B 77 12.07 -25.60 10.06
CA ARG B 77 13.36 -24.98 9.94
C ARG B 77 13.57 -24.05 8.75
N GLU B 78 12.76 -22.99 8.68
CA GLU B 78 12.85 -22.04 7.59
C GLU B 78 14.12 -21.19 7.82
N ASP B 79 14.71 -21.30 9.00
CA ASP B 79 15.93 -20.57 9.30
C ASP B 79 17.12 -21.14 8.54
N LEU B 80 16.97 -22.36 8.03
CA LEU B 80 18.02 -23.04 7.27
C LEU B 80 17.94 -22.81 5.73
N LEU B 81 16.96 -22.01 5.28
CA LEU B 81 16.81 -21.69 3.87
C LEU B 81 17.93 -20.72 3.53
N HIS B 82 18.25 -20.57 2.23
CA HIS B 82 19.30 -19.65 1.80
C HIS B 82 18.78 -18.25 2.13
N GLY B 83 19.63 -17.42 2.74
CA GLY B 83 19.22 -16.08 3.11
C GLY B 83 18.78 -15.99 4.58
N GLY B 84 18.54 -17.13 5.20
CA GLY B 84 18.13 -17.16 6.60
C GLY B 84 16.66 -16.96 6.93
N ALA B 85 15.80 -16.86 5.92
CA ALA B 85 14.37 -16.66 6.15
C ALA B 85 13.51 -17.22 5.04
N HIS B 86 12.25 -17.49 5.37
CA HIS B 86 11.25 -18.03 4.42
C HIS B 86 11.01 -17.12 3.21
N LYS B 87 11.33 -15.84 3.39
CA LYS B 87 11.15 -14.80 2.36
C LYS B 87 11.75 -15.22 1.00
N THR B 88 12.81 -16.03 1.06
CA THR B 88 13.50 -16.53 -0.14
C THR B 88 12.62 -17.35 -1.09
N ASN B 89 11.62 -18.05 -0.57
CA ASN B 89 10.75 -18.86 -1.43
C ASN B 89 9.97 -17.97 -2.40
N GLN B 90 9.26 -17.03 -1.80
CA GLN B 90 8.44 -16.02 -2.43
C GLN B 90 9.17 -15.29 -3.58
N VAL B 91 10.28 -14.64 -3.26
CA VAL B 91 11.03 -13.88 -4.25
C VAL B 91 11.50 -14.65 -5.47
N LEU B 92 11.89 -15.91 -5.30
CA LEU B 92 12.34 -16.69 -6.43
C LEU B 92 11.23 -16.85 -7.45
N GLY B 93 10.03 -17.19 -6.98
CA GLY B 93 8.89 -17.37 -7.86
C GLY B 93 8.47 -16.07 -8.53
N GLN B 94 8.44 -14.98 -7.78
CA GLN B 94 8.06 -13.69 -8.29
C GLN B 94 9.09 -13.18 -9.34
N ALA B 95 10.36 -13.53 -9.13
CA ALA B 95 11.42 -13.14 -10.06
C ALA B 95 11.23 -13.90 -11.37
N LEU B 96 10.84 -15.17 -11.28
CA LEU B 96 10.59 -15.97 -12.48
C LEU B 96 9.33 -15.42 -13.19
N LEU B 97 8.38 -14.91 -12.38
CA LEU B 97 7.16 -14.33 -12.90
C LEU B 97 7.49 -13.08 -13.69
N ALA B 98 8.36 -12.24 -13.12
CA ALA B 98 8.77 -11.01 -13.78
C ALA B 98 9.39 -11.33 -15.14
N LYS B 99 10.19 -12.38 -15.16
CA LYS B 99 10.87 -12.83 -16.35
C LYS B 99 9.91 -13.39 -17.40
N ARG B 100 8.90 -14.12 -16.94
CA ARG B 100 7.87 -14.71 -17.80
C ARG B 100 7.13 -13.61 -18.53
N MET B 101 7.02 -12.48 -17.84
CA MET B 101 6.32 -11.31 -18.33
C MET B 101 7.16 -10.46 -19.30
N GLY B 102 8.43 -10.79 -19.46
CA GLY B 102 9.28 -10.01 -20.35
C GLY B 102 9.92 -8.84 -19.65
N LYS B 103 9.72 -8.80 -18.34
CA LYS B 103 10.26 -7.75 -17.48
C LYS B 103 11.70 -8.07 -17.08
N SER B 104 12.52 -7.04 -16.90
CA SER B 104 13.93 -7.25 -16.53
C SER B 104 14.36 -6.29 -15.42
N GLU B 105 13.37 -5.70 -14.76
CA GLU B 105 13.61 -4.71 -13.71
C GLU B 105 12.73 -5.11 -12.54
N ILE B 106 13.26 -4.98 -11.33
CA ILE B 106 12.56 -5.34 -10.10
C ILE B 106 12.56 -4.16 -9.16
N ILE B 107 11.43 -3.95 -8.50
CA ILE B 107 11.30 -2.86 -7.53
C ILE B 107 10.94 -3.56 -6.23
N ALA B 108 11.59 -3.18 -5.15
CA ALA B 108 11.30 -3.81 -3.87
C ALA B 108 11.33 -2.88 -2.67
N GLU B 109 10.34 -3.08 -1.85
CA GLU B 109 10.09 -2.39 -0.60
C GLU B 109 10.68 -3.24 0.53
N THR B 110 11.29 -2.61 1.54
CA THR B 110 11.84 -3.36 2.67
C THR B 110 11.91 -2.56 3.97
N GLY B 111 11.71 -3.25 5.11
CA GLY B 111 11.74 -2.58 6.40
C GLY B 111 12.97 -2.95 7.22
N ALA B 112 12.98 -4.18 7.72
CA ALA B 112 14.12 -4.68 8.49
C ALA B 112 15.27 -5.01 7.52
N GLY B 113 15.00 -5.00 6.21
CA GLY B 113 16.03 -5.28 5.24
C GLY B 113 16.06 -6.74 4.80
N GLN B 114 15.21 -7.56 5.40
CA GLN B 114 15.18 -8.98 5.05
C GLN B 114 14.52 -9.19 3.69
N HIS B 115 13.46 -8.45 3.39
CA HIS B 115 12.84 -8.62 2.09
C HIS B 115 13.76 -8.04 1.00
N GLY B 116 14.47 -6.96 1.33
CA GLY B 116 15.39 -6.38 0.36
C GLY B 116 16.55 -7.31 0.01
N VAL B 117 17.14 -7.95 1.03
CA VAL B 117 18.26 -8.86 0.82
C VAL B 117 17.77 -10.00 -0.08
N ALA B 118 16.61 -10.55 0.28
CA ALA B 118 16.02 -11.63 -0.49
C ALA B 118 15.79 -11.22 -1.97
N SER B 119 15.15 -10.08 -2.19
CA SER B 119 14.86 -9.58 -3.53
C SER B 119 16.15 -9.39 -4.32
N ALA B 120 17.16 -8.87 -3.62
CA ALA B 120 18.49 -8.62 -4.19
C ALA B 120 19.20 -9.88 -4.64
N LEU B 121 19.17 -10.93 -3.81
CA LEU B 121 19.85 -12.18 -4.19
C LEU B 121 19.14 -12.89 -5.33
N ALA B 122 17.80 -12.81 -5.35
CA ALA B 122 16.99 -13.44 -6.40
C ALA B 122 17.27 -12.78 -7.76
N SER B 123 17.36 -11.45 -7.74
CA SER B 123 17.61 -10.63 -8.93
C SER B 123 19.02 -10.81 -9.45
N ALA B 124 19.96 -10.99 -8.52
CA ALA B 124 21.34 -11.19 -8.92
C ALA B 124 21.39 -12.53 -9.66
N LEU B 125 20.82 -13.55 -9.03
CA LEU B 125 20.82 -14.87 -9.61
C LEU B 125 20.14 -14.95 -10.97
N LEU B 126 19.05 -14.22 -11.14
CA LEU B 126 18.33 -14.32 -12.40
C LEU B 126 18.52 -13.18 -13.41
N GLY B 127 19.59 -12.41 -13.24
CA GLY B 127 19.87 -11.31 -14.15
C GLY B 127 18.84 -10.19 -14.27
N LEU B 128 18.23 -9.82 -13.14
CA LEU B 128 17.25 -8.74 -13.13
C LEU B 128 17.90 -7.54 -12.50
N LYS B 129 17.47 -6.37 -12.92
CA LYS B 129 18.00 -5.13 -12.39
C LYS B 129 17.13 -4.86 -11.16
N CYS B 130 17.73 -4.79 -9.98
CA CYS B 130 16.99 -4.58 -8.76
C CYS B 130 17.16 -3.19 -8.15
N ARG B 131 16.01 -2.57 -7.86
CA ARG B 131 15.84 -1.23 -7.27
C ARG B 131 15.11 -1.46 -5.94
N ILE B 132 15.71 -1.05 -4.82
CA ILE B 132 15.08 -1.24 -3.53
C ILE B 132 14.91 0.07 -2.75
N TYR B 133 13.69 0.26 -2.23
CA TYR B 133 13.34 1.43 -1.43
C TYR B 133 13.30 1.09 0.05
N MET B 134 13.93 1.93 0.84
CA MET B 134 13.99 1.73 2.28
C MET B 134 13.85 3.05 3.02
N GLY B 135 12.90 3.11 3.96
CA GLY B 135 12.73 4.31 4.75
C GLY B 135 14.06 4.68 5.39
N ALA B 136 14.45 5.94 5.26
CA ALA B 136 15.73 6.46 5.76
C ALA B 136 16.07 6.04 7.19
N LYS B 137 15.05 6.00 8.03
CA LYS B 137 15.23 5.63 9.43
C LYS B 137 15.62 4.15 9.51
N ASP B 138 15.16 3.36 8.54
CA ASP B 138 15.51 1.94 8.50
C ASP B 138 16.89 1.76 7.88
N VAL B 139 17.28 2.65 6.95
CA VAL B 139 18.60 2.55 6.32
C VAL B 139 19.70 2.83 7.35
N GLU B 140 19.42 3.78 8.24
CA GLU B 140 20.35 4.18 9.30
C GLU B 140 20.43 3.07 10.36
N ARG B 141 19.30 2.39 10.55
CA ARG B 141 19.12 1.32 11.54
C ARG B 141 19.57 -0.05 11.06
N GLN B 142 19.51 -0.27 9.76
CA GLN B 142 19.83 -1.56 9.18
C GLN B 142 21.02 -1.57 8.20
N SER B 143 22.17 -1.11 8.71
CA SER B 143 23.41 -1.04 7.95
C SER B 143 23.92 -2.33 7.31
N PRO B 144 23.96 -3.45 8.07
CA PRO B 144 24.45 -4.72 7.51
C PRO B 144 23.59 -5.22 6.35
N ASN B 145 22.28 -5.05 6.44
CA ASN B 145 21.41 -5.49 5.37
C ASN B 145 21.59 -4.60 4.13
N VAL B 146 21.80 -3.30 4.34
CA VAL B 146 22.01 -2.36 3.24
C VAL B 146 23.28 -2.72 2.45
N PHE B 147 24.37 -3.03 3.16
CA PHE B 147 25.62 -3.38 2.50
C PHE B 147 25.52 -4.72 1.77
N ARG B 148 24.74 -5.63 2.33
CA ARG B 148 24.54 -6.97 1.77
C ARG B 148 23.84 -6.77 0.43
N MET B 149 22.78 -5.98 0.47
CA MET B 149 21.93 -5.64 -0.67
C MET B 149 22.76 -5.04 -1.81
N ARG B 150 23.59 -4.07 -1.44
CA ARG B 150 24.43 -3.32 -2.36
C ARG B 150 25.52 -4.22 -2.96
N LEU B 151 25.99 -5.15 -2.15
CA LEU B 151 27.02 -6.13 -2.51
C LEU B 151 26.48 -7.17 -3.48
N MET B 152 25.16 -7.30 -3.50
CA MET B 152 24.52 -8.27 -4.38
C MET B 152 23.98 -7.56 -5.62
N GLY B 153 24.54 -6.39 -5.91
CA GLY B 153 24.17 -5.60 -7.07
C GLY B 153 22.98 -4.66 -6.98
N ALA B 154 22.16 -4.78 -5.94
CA ALA B 154 20.98 -3.92 -5.81
C ALA B 154 21.24 -2.44 -5.50
N GLU B 155 20.36 -1.61 -6.05
CA GLU B 155 20.36 -0.17 -5.85
C GLU B 155 19.54 0.08 -4.60
N VAL B 156 20.12 0.67 -3.57
CA VAL B 156 19.35 0.96 -2.36
C VAL B 156 19.00 2.45 -2.36
N ILE B 157 17.70 2.74 -2.19
CA ILE B 157 17.21 4.12 -2.20
C ILE B 157 16.44 4.50 -0.94
N PRO B 158 17.01 5.38 -0.10
CA PRO B 158 16.39 5.85 1.16
C PRO B 158 15.15 6.71 0.90
N VAL B 159 14.06 6.41 1.63
CA VAL B 159 12.82 7.16 1.50
C VAL B 159 12.65 8.07 2.73
N HIS B 160 12.75 9.37 2.52
CA HIS B 160 12.65 10.35 3.61
C HIS B 160 11.27 10.93 3.89
N SER B 161 10.31 10.60 3.03
CA SER B 161 8.96 11.11 3.20
C SER B 161 8.21 10.42 4.35
N GLY B 162 7.22 11.12 4.91
CA GLY B 162 6.42 10.58 5.99
C GLY B 162 7.22 10.29 7.25
N SER B 163 7.10 9.06 7.75
CA SER B 163 7.82 8.66 8.95
C SER B 163 9.14 8.00 8.58
N ALA B 164 9.51 8.05 7.28
CA ALA B 164 10.76 7.47 6.78
C ALA B 164 10.97 6.03 7.24
N THR B 165 9.94 5.20 7.12
CA THR B 165 10.03 3.79 7.52
C THR B 165 9.30 2.96 6.47
N LEU B 166 8.98 1.71 6.80
CA LEU B 166 8.29 0.79 5.87
C LEU B 166 7.13 1.41 5.08
N LYS B 167 6.13 1.91 5.80
CA LYS B 167 4.94 2.61 5.25
C LYS B 167 5.30 3.46 4.02
N ASP B 168 6.28 4.33 4.24
CA ASP B 168 6.76 5.27 3.26
C ASP B 168 7.56 4.64 2.13
N ALA B 169 8.24 3.54 2.42
CA ALA B 169 9.01 2.82 1.42
C ALA B 169 8.02 2.18 0.44
N CYS B 170 6.95 1.61 0.99
CA CYS B 170 5.89 0.96 0.22
C CYS B 170 5.27 1.99 -0.75
N ASN B 171 4.98 3.20 -0.24
CA ASN B 171 4.41 4.29 -1.02
C ASN B 171 5.28 4.56 -2.25
N GLU B 172 6.55 4.86 -1.98
CA GLU B 172 7.54 5.15 -3.01
C GLU B 172 7.63 4.10 -4.11
N ALA B 173 7.53 2.83 -3.73
CA ALA B 173 7.59 1.71 -4.67
C ALA B 173 6.40 1.73 -5.62
N LEU B 174 5.20 2.04 -5.09
CA LEU B 174 3.99 2.12 -5.92
C LEU B 174 4.01 3.36 -6.81
N ARG B 175 4.67 4.41 -6.34
CA ARG B 175 4.79 5.67 -7.05
C ARG B 175 5.69 5.32 -8.25
N ASP B 176 6.83 4.74 -7.96
CA ASP B 176 7.78 4.36 -8.99
C ASP B 176 7.05 3.48 -10.00
N TRP B 177 6.42 2.40 -9.51
CA TRP B 177 5.72 1.44 -10.35
C TRP B 177 4.66 2.06 -11.26
N SER B 178 4.03 3.13 -10.79
CA SER B 178 2.97 3.80 -11.56
C SER B 178 3.41 4.38 -12.89
N GLY B 179 4.72 4.46 -13.09
CA GLY B 179 5.26 4.99 -14.32
C GLY B 179 6.35 4.12 -14.91
N SER B 180 6.62 2.96 -14.28
CA SER B 180 7.65 2.04 -14.77
C SER B 180 7.18 0.61 -15.00
N TYR B 181 5.91 0.34 -14.64
CA TYR B 181 5.30 -1.00 -14.78
C TYR B 181 5.51 -1.70 -16.11
N GLU B 182 5.73 -0.91 -17.16
CA GLU B 182 5.90 -1.47 -18.49
C GLU B 182 7.20 -2.28 -18.67
N THR B 183 8.23 -1.95 -17.89
CA THR B 183 9.52 -2.67 -17.96
C THR B 183 9.95 -3.26 -16.60
N ALA B 184 9.30 -2.83 -15.51
CA ALA B 184 9.64 -3.29 -14.16
C ALA B 184 8.48 -3.95 -13.42
N HIS B 185 8.83 -4.94 -12.60
CA HIS B 185 7.85 -5.65 -11.78
C HIS B 185 8.04 -5.25 -10.31
N TYR B 186 6.93 -5.10 -9.60
CA TYR B 186 6.96 -4.75 -8.18
C TYR B 186 6.94 -6.02 -7.32
N MET B 187 8.08 -6.35 -6.74
CA MET B 187 8.21 -7.52 -5.87
C MET B 187 7.80 -7.19 -4.45
N LEU B 188 6.49 -7.25 -4.21
CA LEU B 188 5.92 -6.99 -2.90
C LEU B 188 6.45 -8.01 -1.87
N GLY B 189 6.77 -7.53 -0.66
CA GLY B 189 7.33 -8.37 0.37
C GLY B 189 6.53 -9.26 1.31
N THR B 190 5.20 -9.28 1.22
CA THR B 190 4.39 -10.13 2.11
C THR B 190 3.04 -10.47 1.49
N ALA B 191 2.24 -11.26 2.20
CA ALA B 191 0.92 -11.66 1.70
C ALA B 191 -0.12 -10.60 2.03
N ALA B 192 0.11 -9.41 1.50
CA ALA B 192 -0.76 -8.29 1.69
C ALA B 192 -0.61 -7.42 0.45
N GLY B 193 -1.29 -6.28 0.44
CA GLY B 193 -1.23 -5.39 -0.71
C GLY B 193 -2.41 -5.71 -1.61
N PRO B 194 -2.41 -5.15 -2.83
CA PRO B 194 -3.52 -5.41 -3.76
C PRO B 194 -3.44 -6.78 -4.45
N HIS B 195 -4.62 -7.31 -4.76
CA HIS B 195 -4.72 -8.57 -5.48
C HIS B 195 -3.92 -8.30 -6.77
N PRO B 196 -3.27 -9.31 -7.36
CA PRO B 196 -3.17 -10.72 -6.98
C PRO B 196 -2.11 -11.07 -5.95
N TYR B 197 -1.42 -10.06 -5.41
CA TYR B 197 -0.34 -10.30 -4.44
C TYR B 197 -0.56 -11.21 -3.22
N PRO B 198 -1.66 -11.02 -2.45
CA PRO B 198 -1.84 -11.91 -1.29
C PRO B 198 -1.97 -13.38 -1.69
N THR B 199 -2.57 -13.61 -2.84
CA THR B 199 -2.80 -14.94 -3.39
C THR B 199 -1.51 -15.57 -3.93
N ILE B 200 -0.67 -14.73 -4.55
CA ILE B 200 0.60 -15.13 -5.16
C ILE B 200 1.65 -15.46 -4.11
N VAL B 201 1.84 -14.56 -3.15
CA VAL B 201 2.81 -14.78 -2.06
C VAL B 201 2.46 -16.07 -1.31
N ARG B 202 1.16 -16.30 -1.07
CA ARG B 202 0.69 -17.51 -0.40
C ARG B 202 1.04 -18.74 -1.18
N GLU B 203 0.65 -18.75 -2.44
CA GLU B 203 0.87 -19.88 -3.31
C GLU B 203 2.37 -20.15 -3.43
N PHE B 204 3.17 -19.09 -3.37
CA PHE B 204 4.64 -19.21 -3.45
C PHE B 204 5.32 -19.45 -2.07
N GLN B 205 4.50 -19.57 -1.02
CA GLN B 205 4.98 -19.84 0.34
C GLN B 205 4.38 -21.15 0.88
N ARG B 206 3.49 -21.74 0.08
CA ARG B 206 2.79 -23.00 0.36
C ARG B 206 3.68 -24.21 0.73
N MET B 207 4.90 -24.23 0.17
CA MET B 207 5.90 -25.30 0.36
C MET B 207 5.97 -25.63 1.85
N ILE B 208 6.11 -24.57 2.65
CA ILE B 208 6.25 -24.63 4.11
C ILE B 208 5.26 -25.58 4.78
N GLY B 209 3.97 -25.29 4.63
CA GLY B 209 2.93 -26.13 5.20
C GLY B 209 2.78 -27.46 4.47
N GLU B 210 3.03 -27.47 3.16
CA GLU B 210 2.94 -28.70 2.35
C GLU B 210 4.03 -29.71 2.80
N GLU B 211 5.20 -29.18 3.12
CA GLU B 211 6.32 -29.97 3.56
C GLU B 211 6.07 -30.41 5.02
N THR B 212 5.55 -29.49 5.84
CA THR B 212 5.25 -29.80 7.23
C THR B 212 4.26 -30.96 7.34
N LYS B 213 3.31 -31.04 6.41
CA LYS B 213 2.34 -32.13 6.45
C LYS B 213 2.95 -33.49 6.27
N ALA B 214 3.62 -33.69 5.13
CA ALA B 214 4.25 -34.98 4.82
C ALA B 214 5.25 -35.36 5.90
N GLN B 215 5.95 -34.34 6.38
CA GLN B 215 6.99 -34.51 7.38
C GLN B 215 6.45 -34.98 8.72
N ILE B 216 5.38 -34.34 9.20
CA ILE B 216 4.80 -34.71 10.49
C ILE B 216 4.04 -36.03 10.37
N LEU B 217 3.50 -36.28 9.19
CA LEU B 217 2.75 -37.51 8.92
C LEU B 217 3.73 -38.69 8.95
N ASP B 218 4.98 -38.42 8.54
CA ASP B 218 6.01 -39.43 8.52
C ASP B 218 6.58 -39.66 9.91
N LYS B 219 6.76 -38.57 10.64
CA LYS B 219 7.36 -38.59 11.97
C LYS B 219 6.44 -38.94 13.14
N GLU B 220 5.15 -38.66 12.97
CA GLU B 220 4.18 -38.88 14.03
C GLU B 220 2.92 -39.62 13.57
N GLY B 221 2.75 -39.77 12.25
CA GLY B 221 1.60 -40.44 11.68
C GLY B 221 0.29 -39.77 12.05
N ARG B 222 0.34 -38.44 12.15
CA ARG B 222 -0.83 -37.67 12.57
C ARG B 222 -0.60 -36.21 12.23
N LEU B 223 -1.67 -35.48 11.98
CA LEU B 223 -1.54 -34.06 11.69
C LEU B 223 -1.37 -33.37 13.05
N PRO B 224 -0.77 -32.18 13.06
CA PRO B 224 -0.61 -31.50 14.35
C PRO B 224 -1.94 -31.02 14.97
N ASP B 225 -1.94 -30.79 16.27
CA ASP B 225 -3.14 -30.29 16.93
C ASP B 225 -3.28 -28.82 16.54
N ALA B 226 -2.14 -28.17 16.32
CA ALA B 226 -2.09 -26.78 15.93
C ALA B 226 -0.74 -26.41 15.32
N VAL B 227 -0.76 -25.38 14.47
CA VAL B 227 0.44 -24.87 13.82
C VAL B 227 0.46 -23.39 14.21
N ILE B 228 1.61 -22.91 14.66
CA ILE B 228 1.77 -21.53 15.15
C ILE B 228 2.80 -20.78 14.30
N ALA B 229 2.56 -19.51 14.01
CA ALA B 229 3.48 -18.71 13.20
C ALA B 229 3.32 -17.23 13.50
N CYS B 230 4.41 -16.48 13.43
CA CYS B 230 4.29 -15.06 13.69
C CYS B 230 3.66 -14.36 12.48
N VAL B 231 3.05 -13.21 12.73
CA VAL B 231 2.37 -12.47 11.68
C VAL B 231 2.76 -11.00 11.70
N GLY B 232 3.68 -10.62 10.81
CA GLY B 232 4.10 -9.23 10.68
C GLY B 232 3.26 -8.69 9.55
N GLY B 233 3.36 -9.35 8.40
CA GLY B 233 2.59 -8.99 7.22
C GLY B 233 1.65 -10.13 6.90
N GLY B 234 2.10 -11.36 7.16
CA GLY B 234 1.29 -12.54 6.93
C GLY B 234 1.85 -13.66 6.06
N SER B 235 2.99 -13.44 5.40
CA SER B 235 3.57 -14.45 4.49
C SER B 235 3.98 -15.80 5.04
N ASN B 236 4.84 -15.81 6.04
CA ASN B 236 5.29 -17.07 6.65
C ASN B 236 4.14 -17.83 7.27
N ALA B 237 3.20 -17.09 7.87
CA ALA B 237 2.03 -17.70 8.51
C ALA B 237 1.11 -18.37 7.51
N ILE B 238 0.69 -17.64 6.46
CA ILE B 238 -0.18 -18.24 5.46
C ILE B 238 0.53 -19.40 4.72
N GLY B 239 1.85 -19.29 4.53
CA GLY B 239 2.59 -20.36 3.88
C GLY B 239 2.48 -21.66 4.65
N MET B 240 2.46 -21.54 5.98
CA MET B 240 2.30 -22.70 6.88
C MET B 240 0.85 -23.15 6.88
N PHE B 241 -0.04 -22.21 7.19
CA PHE B 241 -1.48 -22.47 7.28
C PHE B 241 -2.09 -23.10 6.04
N ALA B 242 -1.84 -22.50 4.87
CA ALA B 242 -2.38 -22.91 3.57
C ALA B 242 -2.83 -24.36 3.35
N ASP B 243 -1.88 -25.30 3.46
CA ASP B 243 -2.18 -26.71 3.24
C ASP B 243 -3.00 -27.39 4.36
N PHE B 244 -3.14 -26.72 5.49
CA PHE B 244 -3.89 -27.26 6.62
C PHE B 244 -5.33 -26.69 6.75
N ILE B 245 -5.63 -25.66 5.98
CA ILE B 245 -6.95 -25.02 6.01
C ILE B 245 -8.14 -25.98 5.88
N ASN B 246 -8.07 -26.95 4.96
CA ASN B 246 -9.15 -27.92 4.79
C ASN B 246 -9.13 -29.05 5.82
N ASP B 247 -8.10 -29.08 6.66
CA ASP B 247 -8.00 -30.07 7.73
C ASP B 247 -8.54 -29.34 8.94
N THR B 248 -9.85 -29.48 9.16
CA THR B 248 -10.51 -28.79 10.25
C THR B 248 -10.03 -29.13 11.67
N SER B 249 -9.39 -30.28 11.85
CA SER B 249 -8.89 -30.70 13.17
C SER B 249 -7.60 -29.99 13.57
N VAL B 250 -6.91 -29.42 12.59
CA VAL B 250 -5.67 -28.70 12.87
C VAL B 250 -5.96 -27.23 13.15
N GLY B 251 -5.54 -26.74 14.31
CA GLY B 251 -5.76 -25.35 14.67
C GLY B 251 -4.67 -24.47 14.07
N LEU B 252 -5.04 -23.28 13.62
CA LEU B 252 -4.09 -22.34 13.01
C LEU B 252 -3.92 -21.14 13.95
N ILE B 253 -2.69 -20.87 14.37
CA ILE B 253 -2.42 -19.77 15.30
C ILE B 253 -1.47 -18.69 14.82
N GLY B 254 -2.02 -17.51 14.58
CA GLY B 254 -1.23 -16.37 14.13
C GLY B 254 -0.83 -15.54 15.33
N VAL B 255 0.44 -15.17 15.41
CA VAL B 255 0.91 -14.39 16.56
C VAL B 255 1.40 -13.02 16.17
N GLU B 256 0.72 -12.00 16.68
CA GLU B 256 1.03 -10.63 16.37
C GLU B 256 1.93 -10.04 17.45
N PRO B 257 2.80 -9.08 17.10
CA PRO B 257 3.68 -8.48 18.10
C PRO B 257 2.92 -7.58 19.07
N GLY B 258 3.20 -7.74 20.35
CA GLY B 258 2.54 -6.97 21.38
C GLY B 258 3.36 -5.80 21.88
N GLY B 259 4.59 -5.70 21.42
CA GLY B 259 5.45 -4.61 21.84
C GLY B 259 5.59 -4.53 23.34
N HIS B 260 5.27 -3.38 23.92
CA HIS B 260 5.36 -3.18 25.36
C HIS B 260 4.07 -3.60 26.05
N GLY B 261 3.05 -3.93 25.26
CA GLY B 261 1.77 -4.33 25.80
C GLY B 261 0.68 -3.64 24.98
N ILE B 262 -0.41 -4.35 24.70
CA ILE B 262 -1.51 -3.79 23.91
C ILE B 262 -2.02 -2.54 24.59
N GLU B 263 -2.26 -2.70 25.89
CA GLU B 263 -2.68 -1.64 26.79
C GLU B 263 -1.90 -0.32 26.72
N THR B 264 -0.64 -0.38 26.26
CA THR B 264 0.21 0.82 26.14
C THR B 264 0.08 1.51 24.79
N GLY B 265 -0.53 0.81 23.82
CA GLY B 265 -0.70 1.37 22.49
C GLY B 265 0.57 1.24 21.67
N GLU B 266 1.62 0.75 22.31
CA GLU B 266 2.93 0.58 21.66
C GLU B 266 3.06 -0.87 21.19
N HIS B 267 2.32 -1.22 20.14
CA HIS B 267 2.31 -2.58 19.60
C HIS B 267 2.24 -2.64 18.06
N GLY B 268 2.11 -3.87 17.55
CA GLY B 268 1.99 -4.10 16.12
C GLY B 268 0.93 -5.18 15.91
N ALA B 269 -0.24 -5.00 16.53
CA ALA B 269 -1.31 -5.98 16.45
C ALA B 269 -2.56 -5.38 15.86
N PRO B 270 -2.55 -5.09 14.54
CA PRO B 270 -3.73 -4.49 13.92
C PRO B 270 -4.92 -5.40 13.69
N LEU B 271 -4.68 -6.66 13.36
CA LEU B 271 -5.75 -7.61 13.08
C LEU B 271 -6.68 -7.76 14.26
N LYS B 272 -6.11 -7.61 15.46
CA LYS B 272 -6.84 -7.83 16.69
C LYS B 272 -7.10 -6.55 17.49
N HIS B 273 -6.20 -5.58 17.35
CA HIS B 273 -6.34 -4.32 18.07
C HIS B 273 -6.21 -3.12 17.15
N GLY B 274 -6.50 -3.31 15.87
CA GLY B 274 -6.43 -2.21 14.93
C GLY B 274 -7.83 -1.90 14.48
N ARG B 275 -7.96 -1.22 13.34
CA ARG B 275 -9.26 -0.89 12.79
C ARG B 275 -9.23 -1.04 11.28
N VAL B 276 -10.28 -1.63 10.74
CA VAL B 276 -10.36 -1.81 9.30
C VAL B 276 -10.30 -0.46 8.56
N GLY B 277 -9.46 -0.44 7.53
CA GLY B 277 -9.26 0.75 6.71
C GLY B 277 -8.87 0.32 5.32
N ILE B 278 -8.63 1.31 4.46
CA ILE B 278 -8.23 1.05 3.07
C ILE B 278 -6.88 1.74 2.76
N TYR B 279 -5.84 0.94 2.59
CA TYR B 279 -4.52 1.50 2.29
C TYR B 279 -3.61 0.42 1.71
N PHE B 280 -2.60 0.87 0.96
CA PHE B 280 -1.63 -0.01 0.32
C PHE B 280 -2.31 -1.00 -0.61
N GLY B 281 -3.30 -0.51 -1.36
CA GLY B 281 -4.05 -1.33 -2.31
C GLY B 281 -4.89 -2.40 -1.65
N MET B 282 -5.26 -2.17 -0.40
CA MET B 282 -5.97 -3.15 0.43
C MET B 282 -7.03 -2.65 1.44
N LYS B 283 -8.06 -3.48 1.66
CA LYS B 283 -9.04 -3.22 2.73
C LYS B 283 -8.69 -4.27 3.79
N ALA B 284 -8.22 -3.82 4.94
CA ALA B 284 -7.82 -4.75 5.98
C ALA B 284 -7.61 -3.99 7.30
N PRO B 285 -7.41 -4.72 8.42
CA PRO B 285 -7.19 -4.14 9.76
C PRO B 285 -5.93 -3.29 9.71
N MET B 286 -5.90 -2.17 10.44
CA MET B 286 -4.74 -1.31 10.34
C MET B 286 -4.36 -0.51 11.56
N MET B 287 -3.08 -0.16 11.62
CA MET B 287 -2.52 0.65 12.69
C MET B 287 -2.96 2.03 12.13
N GLN B 288 -3.94 2.66 12.76
CA GLN B 288 -4.51 3.93 12.27
C GLN B 288 -4.79 4.92 13.40
N THR B 289 -4.86 6.21 13.11
CA THR B 289 -5.24 7.17 14.15
C THR B 289 -6.77 7.29 14.12
N ALA B 290 -7.35 8.10 15.00
CA ALA B 290 -8.80 8.26 15.03
C ALA B 290 -9.31 9.00 13.79
N ASP B 291 -8.39 9.67 13.10
CA ASP B 291 -8.66 10.44 11.89
C ASP B 291 -8.42 9.62 10.62
N GLY B 292 -7.94 8.40 10.78
CA GLY B 292 -7.69 7.58 9.62
C GLY B 292 -6.38 7.96 8.96
N GLN B 293 -5.40 8.36 9.77
CA GLN B 293 -4.10 8.72 9.25
C GLN B 293 -3.34 7.42 9.56
N ILE B 294 -2.56 6.91 8.61
CA ILE B 294 -1.83 5.64 8.84
C ILE B 294 -0.71 5.75 9.87
N GLU B 295 -0.71 4.82 10.81
CA GLU B 295 0.28 4.79 11.90
C GLU B 295 1.33 3.70 11.76
N GLU B 296 2.33 3.73 12.63
CA GLU B 296 3.41 2.76 12.62
C GLU B 296 3.18 1.55 13.54
N SER B 297 3.80 0.42 13.20
CA SER B 297 3.69 -0.79 14.00
C SER B 297 4.96 -0.93 14.85
N TYR B 298 4.82 -1.12 16.16
CA TYR B 298 5.98 -1.30 17.02
C TYR B 298 6.20 -2.74 17.50
N SER B 299 7.48 -3.12 17.61
CA SER B 299 7.90 -4.44 18.06
C SER B 299 9.41 -4.42 18.28
N ILE B 300 9.88 -5.25 19.21
CA ILE B 300 11.32 -5.35 19.47
C ILE B 300 11.95 -5.89 18.18
N SER B 301 11.17 -6.65 17.41
CA SER B 301 11.63 -7.20 16.14
C SER B 301 11.21 -6.30 14.97
N ALA B 302 12.22 -5.77 14.28
CA ALA B 302 12.03 -4.89 13.12
C ALA B 302 11.16 -5.49 12.02
N GLY B 303 11.31 -6.80 11.80
CA GLY B 303 10.56 -7.48 10.75
C GLY B 303 9.07 -7.60 10.96
N LEU B 304 8.60 -7.37 12.19
CA LEU B 304 7.16 -7.45 12.45
C LEU B 304 6.54 -6.06 12.50
N ASP B 305 7.06 -5.14 11.71
CA ASP B 305 6.55 -3.77 11.70
C ASP B 305 5.77 -3.31 10.46
N PHE B 306 5.07 -4.24 9.80
CA PHE B 306 4.22 -3.89 8.66
C PHE B 306 2.94 -3.36 9.33
N PRO B 307 2.59 -2.09 9.08
CA PRO B 307 1.43 -1.37 9.63
C PRO B 307 0.04 -2.01 9.48
N SER B 308 -0.04 -3.11 8.77
CA SER B 308 -1.32 -3.78 8.58
C SER B 308 -1.11 -5.31 8.65
N VAL B 309 -1.99 -6.06 8.00
CA VAL B 309 -1.91 -7.51 8.00
C VAL B 309 -2.55 -7.97 6.70
N GLY B 310 -2.32 -9.23 6.34
CA GLY B 310 -2.90 -9.76 5.12
C GLY B 310 -4.40 -9.93 5.20
N PRO B 311 -5.12 -9.75 4.08
CA PRO B 311 -6.57 -9.88 4.01
C PRO B 311 -7.09 -11.27 4.31
N GLN B 312 -6.39 -12.31 3.87
CA GLN B 312 -6.83 -13.67 4.15
C GLN B 312 -6.83 -13.97 5.64
N HIS B 313 -5.85 -13.44 6.36
CA HIS B 313 -5.76 -13.65 7.82
C HIS B 313 -6.94 -12.98 8.52
N ALA B 314 -7.25 -11.77 8.09
CA ALA B 314 -8.35 -11.01 8.64
C ALA B 314 -9.64 -11.77 8.34
N TYR B 315 -9.62 -12.54 7.26
CA TYR B 315 -10.77 -13.34 6.86
C TYR B 315 -10.83 -14.69 7.62
N LEU B 316 -9.69 -15.35 7.78
CA LEU B 316 -9.66 -16.63 8.49
C LEU B 316 -10.06 -16.38 9.95
N ASN B 317 -9.73 -15.19 10.45
CA ASN B 317 -10.08 -14.81 11.82
C ASN B 317 -11.57 -14.55 11.92
N SER B 318 -12.12 -13.95 10.87
CA SER B 318 -13.53 -13.58 10.83
C SER B 318 -14.48 -14.75 10.91
N ILE B 319 -14.15 -15.83 10.20
CA ILE B 319 -14.99 -17.02 10.19
C ILE B 319 -14.62 -18.00 11.29
N GLY B 320 -13.55 -17.72 12.01
CA GLY B 320 -13.16 -18.61 13.08
C GLY B 320 -12.21 -19.73 12.70
N ARG B 321 -11.77 -19.77 11.44
CA ARG B 321 -10.83 -20.79 10.99
C ARG B 321 -9.50 -20.75 11.71
N ALA B 322 -9.01 -19.54 11.94
CA ALA B 322 -7.74 -19.32 12.61
C ALA B 322 -7.89 -18.34 13.77
N ASP B 323 -7.02 -18.50 14.78
CA ASP B 323 -7.01 -17.63 15.96
C ASP B 323 -5.75 -16.79 16.01
N TYR B 324 -5.91 -15.52 16.38
CA TYR B 324 -4.78 -14.61 16.44
C TYR B 324 -4.62 -14.05 17.85
N VAL B 325 -3.42 -14.22 18.37
CA VAL B 325 -3.11 -13.75 19.71
C VAL B 325 -1.91 -12.88 19.55
N SER B 326 -1.43 -12.30 20.65
CA SER B 326 -0.26 -11.45 20.59
C SER B 326 0.79 -11.86 21.64
N ILE B 327 2.00 -11.35 21.50
CA ILE B 327 3.12 -11.69 22.39
C ILE B 327 4.00 -10.46 22.55
N THR B 328 4.31 -10.10 23.79
CA THR B 328 5.12 -8.94 24.10
C THR B 328 6.61 -9.10 23.80
N ASP B 329 7.35 -7.99 23.89
CA ASP B 329 8.79 -7.96 23.67
C ASP B 329 9.52 -8.93 24.61
N ASP B 330 9.21 -8.82 25.90
CA ASP B 330 9.82 -9.65 26.94
C ASP B 330 9.51 -11.13 26.74
N GLU B 331 8.27 -11.40 26.34
CA GLU B 331 7.81 -12.76 26.10
C GLU B 331 8.65 -13.34 24.94
N ALA B 332 8.84 -12.56 23.88
CA ALA B 332 9.65 -13.01 22.73
C ALA B 332 11.13 -13.17 23.13
N LEU B 333 11.61 -12.26 23.99
CA LEU B 333 13.00 -12.30 24.48
C LEU B 333 13.28 -13.61 25.23
N GLU B 334 12.32 -14.01 26.05
CA GLU B 334 12.41 -15.24 26.81
C GLU B 334 12.37 -16.50 25.95
N ALA B 335 11.52 -16.52 24.94
CA ALA B 335 11.43 -17.69 24.05
C ALA B 335 12.75 -17.81 23.27
N PHE B 336 13.27 -16.66 22.87
CA PHE B 336 14.52 -16.56 22.14
C PHE B 336 15.66 -17.15 22.98
N LYS B 337 15.73 -16.68 24.22
CA LYS B 337 16.75 -17.12 25.17
C LYS B 337 16.71 -18.63 25.37
N THR B 338 15.51 -19.13 25.65
CA THR B 338 15.26 -20.55 25.92
C THR B 338 15.62 -21.51 24.77
N LEU B 339 15.34 -21.11 23.53
CA LEU B 339 15.67 -21.97 22.39
C LEU B 339 17.17 -22.04 22.22
N CYS B 340 17.86 -20.93 22.46
CA CYS B 340 19.31 -20.88 22.33
C CYS B 340 19.93 -21.91 23.29
N ARG B 341 19.59 -21.76 24.57
CA ARG B 341 20.05 -22.59 25.67
C ARG B 341 19.70 -24.08 25.70
N HIS B 342 18.49 -24.42 25.29
CA HIS B 342 18.06 -25.82 25.35
C HIS B 342 18.09 -26.63 24.08
N GLU B 343 18.12 -25.92 22.97
CA GLU B 343 18.06 -26.57 21.66
C GLU B 343 19.23 -26.21 20.75
N GLY B 344 19.99 -25.19 21.14
CA GLY B 344 21.14 -24.76 20.33
C GLY B 344 20.75 -24.06 19.03
N ILE B 345 19.60 -23.41 19.03
CA ILE B 345 19.15 -22.73 17.84
C ILE B 345 18.83 -21.29 18.18
N ILE B 346 19.46 -20.37 17.44
CA ILE B 346 19.22 -18.95 17.64
C ILE B 346 18.09 -18.58 16.66
N PRO B 347 16.89 -18.30 17.20
CA PRO B 347 15.72 -17.94 16.40
C PRO B 347 15.60 -16.44 16.15
N ALA B 348 15.05 -16.05 15.00
CA ALA B 348 14.84 -14.64 14.70
C ALA B 348 13.89 -14.14 15.78
N LEU B 349 13.96 -12.86 16.12
CA LEU B 349 13.05 -12.32 17.14
C LEU B 349 11.62 -12.29 16.62
N GLU B 350 11.47 -12.47 15.31
CA GLU B 350 10.19 -12.48 14.64
C GLU B 350 9.57 -13.84 15.03
N SER B 351 10.30 -14.90 14.71
CA SER B 351 9.88 -16.27 15.00
C SER B 351 9.67 -16.50 16.48
N SER B 352 10.56 -15.95 17.30
CA SER B 352 10.49 -16.04 18.78
C SER B 352 9.09 -15.74 19.35
N HIS B 353 8.34 -14.85 18.70
CA HIS B 353 6.99 -14.52 19.13
C HIS B 353 6.10 -15.73 18.98
N ALA B 354 6.33 -16.49 17.92
CA ALA B 354 5.56 -17.71 17.64
C ALA B 354 5.91 -18.81 18.64
N LEU B 355 7.20 -18.95 18.90
CA LEU B 355 7.72 -19.94 19.86
C LEU B 355 7.20 -19.62 21.28
N ALA B 356 7.18 -18.32 21.60
CA ALA B 356 6.72 -17.79 22.87
C ALA B 356 5.27 -18.19 23.13
N HIS B 357 4.47 -18.25 22.07
CA HIS B 357 3.10 -18.64 22.30
C HIS B 357 2.99 -20.13 22.55
N ALA B 358 3.81 -20.92 21.85
CA ALA B 358 3.81 -22.37 22.01
C ALA B 358 4.25 -22.73 23.43
N LEU B 359 5.23 -21.98 23.94
CA LEU B 359 5.76 -22.16 25.28
C LEU B 359 4.65 -21.84 26.29
N LYS B 360 3.86 -20.79 26.00
CA LYS B 360 2.72 -20.43 26.86
C LYS B 360 1.68 -21.55 26.93
N MET B 361 1.32 -22.08 25.78
CA MET B 361 0.32 -23.13 25.66
C MET B 361 0.76 -24.33 26.55
N MET B 362 2.04 -24.67 26.45
CA MET B 362 2.67 -25.75 27.20
C MET B 362 2.69 -25.51 28.71
N ARG B 363 3.36 -24.44 29.08
CA ARG B 363 3.58 -24.04 30.43
C ARG B 363 2.28 -23.86 31.21
N GLU B 364 1.23 -23.43 30.51
CA GLU B 364 -0.06 -23.13 31.10
C GLU B 364 -0.93 -24.36 31.34
N GLN B 365 -0.76 -25.35 30.48
CA GLN B 365 -1.51 -26.59 30.51
C GLN B 365 -0.45 -27.71 30.34
N PRO B 366 0.48 -27.85 31.31
CA PRO B 366 1.53 -28.88 31.20
C PRO B 366 1.10 -30.33 31.14
N GLU B 367 -0.13 -30.65 31.56
CA GLU B 367 -0.56 -32.03 31.51
C GLU B 367 -1.33 -32.35 30.24
N LYS B 368 -1.67 -31.31 29.48
CA LYS B 368 -2.38 -31.47 28.20
C LYS B 368 -1.49 -32.05 27.12
N GLU B 369 -1.99 -33.09 26.47
CA GLU B 369 -1.28 -33.76 25.40
C GLU B 369 -1.47 -32.88 24.15
N GLN B 370 -0.35 -32.44 23.59
CA GLN B 370 -0.38 -31.52 22.47
C GLN B 370 0.72 -31.78 21.43
N LEU B 371 0.35 -31.87 20.15
CA LEU B 371 1.34 -32.06 19.09
C LEU B 371 1.34 -30.71 18.39
N LEU B 372 2.40 -29.94 18.67
CA LEU B 372 2.57 -28.59 18.16
C LEU B 372 3.70 -28.41 17.14
N VAL B 373 3.47 -27.57 16.14
CA VAL B 373 4.49 -27.23 15.15
C VAL B 373 4.57 -25.69 15.09
N VAL B 374 5.77 -25.16 15.35
CA VAL B 374 5.98 -23.72 15.27
C VAL B 374 6.81 -23.44 14.01
N ASN B 375 6.40 -22.44 13.23
CA ASN B 375 7.15 -22.12 12.02
C ASN B 375 8.28 -21.20 12.43
N LEU B 376 9.50 -21.70 12.31
CA LEU B 376 10.67 -20.91 12.65
C LEU B 376 11.05 -20.27 11.34
N SER B 377 10.35 -19.17 11.05
CA SER B 377 10.50 -18.44 9.80
C SER B 377 11.88 -17.93 9.48
N GLY B 378 12.70 -17.71 10.52
CA GLY B 378 14.04 -17.20 10.27
C GLY B 378 15.06 -17.40 11.37
N ARG B 379 16.31 -17.08 11.01
CA ARG B 379 17.51 -17.18 11.86
C ARG B 379 17.66 -15.96 12.76
N GLY B 380 18.27 -16.15 13.93
CA GLY B 380 18.45 -15.06 14.87
C GLY B 380 19.82 -14.45 15.00
N ASP B 381 20.76 -14.82 14.13
CA ASP B 381 22.12 -14.27 14.19
C ASP B 381 22.05 -12.75 14.05
N LYS B 382 21.03 -12.32 13.31
CA LYS B 382 20.67 -10.93 13.05
C LYS B 382 20.48 -10.14 14.35
N ASP B 383 19.71 -10.75 15.25
CA ASP B 383 19.31 -10.17 16.54
C ASP B 383 20.25 -10.29 17.75
N ILE B 384 21.44 -10.82 17.56
CA ILE B 384 22.39 -11.00 18.67
C ILE B 384 22.73 -9.71 19.43
N PHE B 385 22.96 -8.64 18.68
CA PHE B 385 23.30 -7.35 19.25
C PHE B 385 22.16 -6.69 20.00
N THR B 386 20.97 -6.74 19.38
CA THR B 386 19.74 -6.17 19.91
C THR B 386 19.37 -6.77 21.26
N VAL B 387 19.40 -8.10 21.35
CA VAL B 387 19.07 -8.80 22.59
C VAL B 387 20.17 -8.52 23.61
N HIS B 388 21.39 -8.39 23.13
CA HIS B 388 22.54 -8.14 23.98
C HIS B 388 22.44 -6.84 24.75
N ASP B 389 22.02 -5.77 24.07
CA ASP B 389 21.89 -4.46 24.69
C ASP B 389 20.73 -4.35 25.68
P1 HE1 C . 0.46 18.06 -11.24
O1 HE1 C . 1.35 17.04 -12.11
O2 HE1 C . 1.17 18.36 -9.84
O3 HE1 C . 0.23 19.46 -12.02
C1 HE1 C . -1.05 17.38 -10.91
C2 HE1 C . -1.89 17.87 -10.02
C3 HE1 C . -3.46 17.17 -8.25
C4 HE1 C . -3.21 17.29 -9.73
S1 HE1 C . -4.95 16.22 -8.15
OH HE1 C . -3.08 14.80 -6.17
C5 HE1 C . -3.88 11.81 -8.15
C6 HE1 C . -3.33 12.66 -7.17
C7 HE1 C . -3.64 14.01 -7.15
C8 HE1 C . -4.52 14.52 -8.11
C9 HE1 C . -5.07 13.70 -9.11
C10 HE1 C . -4.75 12.33 -9.12
NA NA D . 1.21 -6.16 11.04
N1 PLP E . 9.82 -13.54 10.12
C2 PLP E . 11.08 -13.38 9.59
C2A PLP E . 12.24 -14.22 10.00
C3 PLP E . 11.26 -12.42 8.63
O3 PLP E . 12.57 -12.26 8.17
C4 PLP E . 10.20 -11.60 8.16
C4A PLP E . 10.63 -11.12 6.89
C5 PLP E . 8.95 -11.81 8.80
C6 PLP E . 8.78 -12.75 9.74
C5A PLP E . 7.70 -10.94 8.63
O4P PLP E . 6.90 -11.79 8.01
P PLP E . 5.66 -12.06 7.17
O1P PLP E . 5.67 -11.36 5.88
O2P PLP E . 5.79 -13.51 7.09
O3P PLP E . 4.73 -11.70 8.21
#